data_4NNQ
#
_entry.id   4NNQ
#
_cell.length_a   104.148
_cell.length_b   104.983
_cell.length_c   123.247
_cell.angle_alpha   90.000
_cell.angle_beta   90.000
_cell.angle_gamma   90.000
#
_symmetry.space_group_name_H-M   'I 2 2 2'
#
loop_
_entity.id
_entity.type
_entity.pdbx_description
1 polymer 'Putative enoyl-CoA hydratase'
2 non-polymer 'SULFATE ION'
3 water water
#
_entity_poly.entity_id   1
_entity_poly.type   'polypeptide(L)'
_entity_poly.pdbx_seq_one_letter_code
;SNA(MSE)TAIGPTHRGVRLTAEPHVLRATLTSPDGLNSLSGAALDALGAALDRAEADPECRVLLLEGSGGTFCTGLDFE
EAAGDPAGGASQAGRGGAEFLAL(MSE)RRFGETPLAVVACVDGRAAGGGVGLAAAADLVIATERSEFSLPEALWGLVPC
CVLPVLVRRTGFQPAYA(MSE)ALSTQPVSARRAADFRLVDEVVPDPDAAVRRLLVRLTRLDPATIGELKQYFRA(MSE)
WFTTEDTDAFALREFTRLIDSPVARRRITDYTTTRRLPWEKPRP
;
_entity_poly.pdbx_strand_id   A,B,C
#
loop_
_chem_comp.id
_chem_comp.type
_chem_comp.name
_chem_comp.formula
SO4 non-polymer 'SULFATE ION' 'O4 S -2'
#
# COMPACT_ATOMS: atom_id res chain seq x y z
N GLY A 13 2.74 -35.43 1.78
CA GLY A 13 2.31 -34.97 0.46
C GLY A 13 1.11 -34.01 0.46
N VAL A 14 0.23 -34.18 -0.54
CA VAL A 14 -0.95 -33.37 -0.74
C VAL A 14 -2.17 -34.27 -0.93
N ARG A 15 -3.12 -34.24 0.02
CA ARG A 15 -4.38 -34.99 -0.11
C ARG A 15 -5.31 -34.19 -1.06
N LEU A 16 -5.89 -34.82 -2.07
CA LEU A 16 -6.72 -34.10 -3.01
C LEU A 16 -8.19 -34.53 -2.96
N THR A 17 -9.11 -33.56 -2.86
CA THR A 17 -10.52 -33.83 -2.78
C THR A 17 -11.27 -32.99 -3.80
N ALA A 18 -12.07 -33.64 -4.66
CA ALA A 18 -12.93 -32.93 -5.60
C ALA A 18 -14.27 -32.70 -4.93
N GLU A 19 -14.69 -31.43 -4.96
CA GLU A 19 -15.93 -30.90 -4.44
C GLU A 19 -16.63 -30.09 -5.56
N PRO A 20 -17.92 -29.66 -5.45
CA PRO A 20 -18.53 -28.86 -6.54
C PRO A 20 -17.73 -27.57 -6.80
N HIS A 21 -17.22 -27.42 -8.05
CA HIS A 21 -16.39 -26.30 -8.56
C HIS A 21 -15.07 -26.14 -7.80
N VAL A 22 -14.69 -27.12 -6.96
CA VAL A 22 -13.48 -26.95 -6.11
C VAL A 22 -12.65 -28.20 -6.08
N LEU A 23 -11.31 -28.00 -6.14
CA LEU A 23 -10.28 -28.98 -5.88
C LEU A 23 -9.61 -28.58 -4.61
N ARG A 24 -9.74 -29.42 -3.59
CA ARG A 24 -9.19 -29.13 -2.27
C ARG A 24 -7.88 -29.85 -2.13
N ALA A 25 -6.82 -29.07 -1.90
CA ALA A 25 -5.49 -29.56 -1.73
C ALA A 25 -5.11 -29.39 -0.29
N THR A 26 -5.14 -30.46 0.46
CA THR A 26 -4.84 -30.42 1.88
C THR A 26 -3.39 -30.87 2.10
N LEU A 27 -2.58 -29.99 2.70
CA LEU A 27 -1.21 -30.32 3.06
C LEU A 27 -1.23 -31.13 4.35
N THR A 28 -0.63 -32.32 4.33
CA THR A 28 -0.55 -33.19 5.50
C THR A 28 0.91 -33.62 5.70
N SER A 29 1.32 -33.89 6.96
CA SER A 29 2.71 -34.34 7.22
C SER A 29 2.81 -35.20 8.48
N PRO A 30 3.85 -36.07 8.58
CA PRO A 30 4.00 -36.88 9.80
C PRO A 30 4.29 -36.00 11.00
N ASP A 31 5.22 -35.03 10.87
CA ASP A 31 5.62 -34.14 11.96
C ASP A 31 4.62 -33.00 12.24
N GLY A 32 3.69 -32.81 11.33
CA GLY A 32 2.74 -31.71 11.43
C GLY A 32 3.33 -30.36 11.07
N LEU A 33 4.56 -30.33 10.51
CA LEU A 33 5.17 -29.05 10.13
C LEU A 33 4.70 -28.59 8.77
N ASN A 34 4.21 -29.54 7.94
CA ASN A 34 3.70 -29.30 6.59
C ASN A 34 4.68 -28.48 5.76
N SER A 35 5.97 -28.86 5.80
CA SER A 35 7.09 -28.24 5.12
C SER A 35 6.92 -28.35 3.60
N LEU A 36 7.37 -27.33 2.84
CA LEU A 36 7.31 -27.44 1.39
C LEU A 36 8.55 -28.19 0.86
N SER A 37 8.45 -29.51 0.82
CA SER A 37 9.41 -30.40 0.23
C SER A 37 9.23 -30.36 -1.28
N GLY A 38 10.26 -30.80 -2.01
CA GLY A 38 10.26 -30.87 -3.46
C GLY A 38 9.10 -31.71 -3.95
N ALA A 39 8.74 -32.77 -3.18
CA ALA A 39 7.64 -33.70 -3.40
C ALA A 39 6.29 -33.04 -3.13
N ALA A 40 6.21 -32.18 -2.10
CA ALA A 40 5.01 -31.40 -1.77
C ALA A 40 4.83 -30.31 -2.80
N LEU A 41 5.92 -29.66 -3.25
CA LEU A 41 5.90 -28.64 -4.30
C LEU A 41 5.50 -29.25 -5.66
N ASP A 42 5.95 -30.49 -5.91
CA ASP A 42 5.60 -31.21 -7.14
C ASP A 42 4.08 -31.54 -7.19
N ALA A 43 3.53 -32.03 -6.08
CA ALA A 43 2.13 -32.41 -5.93
C ALA A 43 1.18 -31.22 -6.06
N LEU A 44 1.60 -30.02 -5.55
CA LEU A 44 0.76 -28.82 -5.64
C LEU A 44 0.67 -28.34 -7.07
N GLY A 45 1.75 -28.54 -7.81
CA GLY A 45 1.84 -28.27 -9.24
C GLY A 45 0.91 -29.15 -10.03
N ALA A 46 0.87 -30.45 -9.66
CA ALA A 46 -0.01 -31.45 -10.29
C ALA A 46 -1.49 -31.17 -9.93
N ALA A 47 -1.77 -30.73 -8.68
CA ALA A 47 -3.11 -30.34 -8.24
C ALA A 47 -3.61 -29.20 -9.13
N LEU A 48 -2.71 -28.19 -9.41
CA LEU A 48 -3.05 -27.07 -10.28
C LEU A 48 -3.32 -27.56 -11.69
N ASP A 49 -2.56 -28.58 -12.19
CA ASP A 49 -2.78 -29.18 -13.50
C ASP A 49 -4.18 -29.81 -13.56
N ARG A 50 -4.56 -30.53 -12.49
CA ARG A 50 -5.90 -31.12 -12.40
C ARG A 50 -6.94 -30.00 -12.39
N ALA A 51 -6.74 -28.97 -11.55
CA ALA A 51 -7.69 -27.87 -11.43
C ALA A 51 -7.94 -27.18 -12.80
N GLU A 52 -6.86 -26.89 -13.51
CA GLU A 52 -6.91 -26.27 -14.83
C GLU A 52 -7.62 -27.18 -15.93
N ALA A 53 -7.45 -28.54 -15.89
CA ALA A 53 -8.07 -29.42 -16.90
C ALA A 53 -9.56 -29.64 -16.67
N ASP A 54 -10.05 -29.37 -15.45
CA ASP A 54 -11.48 -29.54 -15.16
C ASP A 54 -12.22 -28.25 -15.56
N PRO A 55 -13.07 -28.30 -16.63
CA PRO A 55 -13.78 -27.08 -17.06
C PRO A 55 -14.68 -26.52 -15.97
N GLU A 56 -15.12 -27.38 -15.03
CA GLU A 56 -16.04 -26.95 -13.96
C GLU A 56 -15.36 -26.45 -12.69
N CYS A 57 -14.01 -26.63 -12.57
CA CYS A 57 -13.29 -26.22 -11.35
C CYS A 57 -12.98 -24.74 -11.39
N ARG A 58 -13.48 -24.00 -10.40
CA ARG A 58 -13.25 -22.56 -10.34
C ARG A 58 -12.21 -22.18 -9.28
N VAL A 59 -12.01 -23.05 -8.27
CA VAL A 59 -11.16 -22.80 -7.13
C VAL A 59 -10.23 -23.95 -6.87
N LEU A 60 -8.97 -23.59 -6.59
CA LEU A 60 -7.99 -24.48 -6.01
C LEU A 60 -7.92 -24.04 -4.55
N LEU A 61 -8.41 -24.89 -3.67
CA LEU A 61 -8.48 -24.57 -2.24
C LEU A 61 -7.28 -25.21 -1.56
N LEU A 62 -6.44 -24.36 -1.02
CA LEU A 62 -5.20 -24.79 -0.40
C LEU A 62 -5.35 -24.65 1.11
N GLU A 63 -5.09 -25.71 1.84
CA GLU A 63 -5.24 -25.68 3.30
C GLU A 63 -4.22 -26.59 3.96
N GLY A 64 -4.06 -26.39 5.26
CA GLY A 64 -3.17 -27.22 6.06
C GLY A 64 -3.98 -28.17 6.92
N SER A 65 -3.41 -28.61 8.03
CA SER A 65 -4.10 -29.55 8.93
C SER A 65 -3.45 -29.50 10.28
N GLY A 66 -4.20 -29.85 11.31
CA GLY A 66 -3.67 -29.95 12.68
C GLY A 66 -3.15 -28.68 13.33
N GLY A 67 -3.63 -27.50 12.90
CA GLY A 67 -3.18 -26.23 13.46
C GLY A 67 -1.98 -25.64 12.74
N THR A 68 -1.57 -26.28 11.65
CA THR A 68 -0.47 -25.77 10.88
C THR A 68 -0.92 -25.63 9.45
N PHE A 69 -0.72 -24.46 8.86
CA PHE A 69 -1.02 -24.25 7.44
C PHE A 69 0.20 -24.79 6.64
N CYS A 70 1.35 -24.12 6.80
CA CYS A 70 2.61 -24.48 6.10
C CYS A 70 3.77 -23.76 6.77
N THR A 71 4.89 -24.44 7.03
CA THR A 71 6.02 -23.79 7.71
C THR A 71 7.22 -23.55 6.77
N GLY A 72 6.96 -23.48 5.48
CA GLY A 72 8.00 -23.14 4.52
C GLY A 72 8.77 -24.31 3.96
N LEU A 73 9.87 -24.00 3.24
CA LEU A 73 10.72 -25.01 2.61
C LEU A 73 11.52 -25.81 3.66
N ASP A 74 11.73 -27.10 3.33
CA ASP A 74 12.44 -28.11 4.11
C ASP A 74 13.93 -27.78 4.26
N GLY A 92 14.69 -26.42 -5.21
CA GLY A 92 13.67 -26.26 -4.18
C GLY A 92 13.05 -24.87 -4.23
N GLY A 93 13.90 -23.86 -4.16
CA GLY A 93 13.49 -22.46 -4.21
C GLY A 93 13.02 -22.04 -5.58
N ALA A 94 13.58 -22.67 -6.65
CA ALA A 94 13.23 -22.42 -8.05
C ALA A 94 11.80 -22.93 -8.32
N GLU A 95 11.42 -24.11 -7.75
CA GLU A 95 10.08 -24.70 -7.93
C GLU A 95 9.07 -23.90 -7.12
N PHE A 96 9.48 -23.47 -5.94
CA PHE A 96 8.61 -22.71 -5.06
C PHE A 96 8.24 -21.40 -5.73
N LEU A 97 9.23 -20.70 -6.32
CA LEU A 97 8.98 -19.46 -7.05
C LEU A 97 8.10 -19.72 -8.23
N ALA A 98 8.37 -20.79 -8.99
CA ALA A 98 7.60 -21.14 -10.20
C ALA A 98 6.15 -21.47 -9.83
N LEU A 99 5.91 -22.16 -8.71
CA LEU A 99 4.53 -22.46 -8.28
C LEU A 99 3.73 -21.18 -7.94
N MSE A 100 4.38 -20.26 -7.21
CA MSE A 100 3.72 -19.00 -6.86
C MSE A 100 3.38 -18.17 -8.11
O MSE A 100 2.37 -17.47 -8.12
CB MSE A 100 4.58 -18.17 -5.88
CG MSE A 100 4.55 -18.72 -4.40
SE MSE A 100 5.53 -17.52 -3.18
CE MSE A 100 7.31 -17.79 -3.87
N ARG A 101 4.27 -18.21 -9.10
CA ARG A 101 4.10 -17.51 -10.39
C ARG A 101 2.88 -18.05 -11.12
N ARG A 102 2.68 -19.40 -11.10
CA ARG A 102 1.50 -20.03 -11.70
C ARG A 102 0.23 -19.57 -10.98
N PHE A 103 0.27 -19.43 -9.63
CA PHE A 103 -0.89 -18.99 -8.85
C PHE A 103 -1.42 -17.66 -9.39
N GLY A 104 -0.49 -16.77 -9.77
CA GLY A 104 -0.76 -15.45 -10.32
C GLY A 104 -1.21 -15.49 -11.76
N GLU A 105 -1.03 -16.62 -12.44
CA GLU A 105 -1.44 -16.75 -13.85
C GLU A 105 -2.66 -17.63 -14.05
N THR A 106 -2.76 -18.76 -13.30
CA THR A 106 -3.79 -19.78 -13.49
C THR A 106 -5.19 -19.15 -13.67
N PRO A 107 -6.00 -19.64 -14.65
CA PRO A 107 -7.34 -19.03 -14.88
C PRO A 107 -8.43 -19.58 -13.96
N LEU A 108 -8.12 -19.62 -12.71
CA LEU A 108 -9.00 -20.03 -11.61
C LEU A 108 -8.55 -19.30 -10.34
N ALA A 109 -9.38 -19.28 -9.30
CA ALA A 109 -9.06 -18.62 -8.04
C ALA A 109 -8.38 -19.59 -7.10
N VAL A 110 -7.18 -19.21 -6.66
CA VAL A 110 -6.39 -19.96 -5.70
C VAL A 110 -6.66 -19.31 -4.36
N VAL A 111 -7.26 -20.07 -3.45
CA VAL A 111 -7.74 -19.59 -2.17
C VAL A 111 -6.98 -20.33 -1.11
N ALA A 112 -6.20 -19.59 -0.32
CA ALA A 112 -5.47 -20.20 0.79
C ALA A 112 -6.34 -20.12 2.03
N CYS A 113 -6.73 -21.29 2.56
CA CYS A 113 -7.55 -21.34 3.76
C CYS A 113 -6.65 -21.67 4.89
N VAL A 114 -6.41 -20.64 5.76
CA VAL A 114 -5.43 -20.77 6.89
C VAL A 114 -6.20 -21.07 8.18
N ASP A 115 -5.80 -22.12 8.91
CA ASP A 115 -6.40 -22.44 10.21
C ASP A 115 -5.27 -22.86 11.19
N GLY A 116 -4.41 -21.91 11.51
CA GLY A 116 -3.27 -22.12 12.39
C GLY A 116 -2.03 -21.41 11.89
N ARG A 117 -0.90 -22.05 12.05
CA ARG A 117 0.42 -21.50 11.78
C ARG A 117 0.81 -21.43 10.29
N ALA A 118 1.26 -20.27 9.86
CA ALA A 118 1.90 -20.06 8.54
C ALA A 118 3.24 -19.35 8.84
N ALA A 119 4.37 -19.98 8.49
CA ALA A 119 5.69 -19.44 8.82
C ALA A 119 6.62 -19.51 7.64
N GLY A 120 7.39 -18.44 7.46
CA GLY A 120 8.41 -18.35 6.40
C GLY A 120 7.87 -18.59 5.00
N GLY A 121 8.32 -19.66 4.37
CA GLY A 121 7.80 -20.02 3.05
C GLY A 121 6.30 -20.23 3.01
N GLY A 122 5.71 -20.67 4.14
CA GLY A 122 4.27 -20.89 4.23
C GLY A 122 3.45 -19.61 4.12
N VAL A 123 4.07 -18.44 4.50
CA VAL A 123 3.48 -17.07 4.38
C VAL A 123 3.43 -16.73 2.86
N GLY A 124 4.52 -17.03 2.15
CA GLY A 124 4.57 -16.82 0.69
C GLY A 124 3.55 -17.67 -0.06
N LEU A 125 3.35 -18.94 0.33
CA LEU A 125 2.38 -19.81 -0.33
C LEU A 125 0.96 -19.21 -0.14
N ALA A 126 0.63 -18.73 1.08
CA ALA A 126 -0.63 -18.03 1.35
C ALA A 126 -0.67 -16.72 0.60
N ALA A 127 0.39 -15.86 0.71
CA ALA A 127 0.38 -14.53 0.05
C ALA A 127 0.21 -14.59 -1.48
N ALA A 128 0.75 -15.66 -2.14
CA ALA A 128 0.66 -15.80 -3.60
C ALA A 128 -0.75 -16.23 -4.07
N ALA A 129 -1.59 -16.72 -3.14
CA ALA A 129 -2.94 -17.11 -3.43
C ALA A 129 -3.72 -15.85 -3.83
N ASP A 130 -4.83 -16.01 -4.58
CA ASP A 130 -5.69 -14.89 -4.96
C ASP A 130 -6.32 -14.32 -3.69
N LEU A 131 -6.76 -15.19 -2.79
CA LEU A 131 -7.42 -14.83 -1.54
C LEU A 131 -6.91 -15.65 -0.43
N VAL A 132 -6.79 -15.02 0.74
CA VAL A 132 -6.35 -15.64 1.98
C VAL A 132 -7.50 -15.52 2.95
N ILE A 133 -8.08 -16.66 3.35
N ILE A 133 -8.08 -16.65 3.34
CA ILE A 133 -9.21 -16.75 4.27
CA ILE A 133 -9.22 -16.73 4.25
C ILE A 133 -8.70 -17.44 5.53
C ILE A 133 -8.74 -17.45 5.53
N ALA A 134 -8.81 -16.80 6.70
CA ALA A 134 -8.24 -17.39 7.91
C ALA A 134 -9.16 -17.46 9.12
N THR A 135 -8.87 -18.40 10.03
CA THR A 135 -9.52 -18.46 11.33
C THR A 135 -8.82 -17.49 12.26
N GLU A 136 -9.52 -17.09 13.34
CA GLU A 136 -8.97 -16.18 14.33
C GLU A 136 -7.65 -16.71 14.95
N ARG A 137 -7.54 -18.04 15.19
CA ARG A 137 -6.34 -18.63 15.83
C ARG A 137 -5.11 -18.66 14.96
N SER A 138 -5.25 -18.32 13.69
CA SER A 138 -4.11 -18.29 12.73
C SER A 138 -3.05 -17.23 13.06
N GLU A 139 -1.78 -17.56 12.77
CA GLU A 139 -0.67 -16.67 12.99
C GLU A 139 0.24 -16.73 11.82
N PHE A 140 0.83 -15.60 11.45
CA PHE A 140 1.74 -15.49 10.31
C PHE A 140 3.07 -14.94 10.78
N SER A 141 4.21 -15.57 10.38
CA SER A 141 5.53 -15.12 10.84
C SER A 141 6.58 -15.28 9.79
N LEU A 142 7.65 -14.45 9.88
CA LEU A 142 8.85 -14.57 9.01
C LEU A 142 10.05 -14.80 9.94
N PRO A 143 10.29 -16.05 10.39
CA PRO A 143 11.35 -16.28 11.38
C PRO A 143 12.77 -16.45 10.75
N GLU A 144 12.88 -16.31 9.39
CA GLU A 144 14.14 -16.50 8.59
C GLU A 144 15.38 -15.85 9.22
N ALA A 145 15.25 -14.57 9.66
CA ALA A 145 16.42 -13.87 10.24
C ALA A 145 17.07 -14.64 11.39
N LEU A 146 16.28 -15.42 12.19
CA LEU A 146 16.82 -16.20 13.31
C LEU A 146 17.89 -17.25 12.89
N TRP A 147 17.81 -17.74 11.66
CA TRP A 147 18.75 -18.72 11.09
C TRP A 147 19.71 -18.07 10.08
N GLY A 148 19.87 -16.74 10.17
CA GLY A 148 20.77 -16.03 9.27
C GLY A 148 20.23 -15.84 7.86
N LEU A 149 18.90 -16.04 7.63
CA LEU A 149 18.33 -15.90 6.28
C LEU A 149 17.39 -14.71 6.15
N VAL A 150 17.11 -14.36 4.89
CA VAL A 150 16.13 -13.38 4.46
C VAL A 150 15.01 -14.18 3.71
N PRO A 151 13.70 -13.89 3.86
CA PRO A 151 12.71 -14.66 3.09
C PRO A 151 12.64 -14.12 1.63
N CYS A 152 13.75 -14.25 0.88
CA CYS A 152 13.91 -13.73 -0.48
C CYS A 152 12.76 -14.10 -1.42
N CYS A 153 12.35 -15.37 -1.42
CA CYS A 153 11.34 -15.89 -2.33
C CYS A 153 9.93 -15.41 -1.99
N VAL A 154 9.67 -15.15 -0.69
CA VAL A 154 8.36 -14.73 -0.15
C VAL A 154 8.07 -13.22 -0.42
N LEU A 155 9.08 -12.35 -0.19
CA LEU A 155 8.93 -10.89 -0.19
C LEU A 155 8.36 -10.26 -1.48
N PRO A 156 8.72 -10.63 -2.73
CA PRO A 156 8.09 -9.94 -3.89
C PRO A 156 6.56 -10.03 -3.87
N VAL A 157 6.03 -11.22 -3.59
CA VAL A 157 4.59 -11.43 -3.55
C VAL A 157 4.00 -10.89 -2.23
N LEU A 158 4.72 -11.02 -1.08
CA LEU A 158 4.21 -10.52 0.20
C LEU A 158 4.13 -9.01 0.19
N VAL A 159 5.19 -8.31 -0.34
CA VAL A 159 5.18 -6.85 -0.42
C VAL A 159 4.02 -6.36 -1.32
N ARG A 160 3.66 -7.09 -2.38
CA ARG A 160 2.56 -6.67 -3.28
C ARG A 160 1.19 -6.73 -2.57
N ARG A 161 1.01 -7.76 -1.75
CA ARG A 161 -0.17 -7.97 -0.95
C ARG A 161 -0.31 -6.96 0.20
N THR A 162 0.72 -6.77 1.01
CA THR A 162 0.63 -5.91 2.22
C THR A 162 1.19 -4.49 2.10
N GLY A 163 2.05 -4.29 1.11
CA GLY A 163 2.74 -3.03 1.02
C GLY A 163 4.07 -3.32 1.67
N PHE A 164 5.00 -2.40 1.53
CA PHE A 164 6.34 -2.58 2.04
C PHE A 164 6.45 -2.77 3.59
N GLN A 165 5.92 -1.82 4.38
CA GLN A 165 6.14 -1.75 5.83
C GLN A 165 5.62 -2.98 6.60
N PRO A 166 4.42 -3.54 6.37
CA PRO A 166 4.03 -4.72 7.16
C PRO A 166 4.94 -5.91 6.94
N ALA A 167 5.38 -6.14 5.69
CA ALA A 167 6.32 -7.23 5.31
C ALA A 167 7.67 -7.01 6.01
N TYR A 168 8.15 -5.75 5.96
CA TYR A 168 9.44 -5.42 6.54
C TYR A 168 9.43 -5.60 8.07
N ALA A 169 8.40 -5.11 8.76
CA ALA A 169 8.26 -5.25 10.20
C ALA A 169 8.22 -6.76 10.62
N MSE A 170 7.48 -7.58 9.86
CA MSE A 170 7.40 -9.01 10.15
C MSE A 170 8.74 -9.68 10.08
O MSE A 170 9.11 -10.41 11.01
CB MSE A 170 6.42 -9.71 9.18
CG MSE A 170 4.99 -9.54 9.60
SE MSE A 170 3.82 -10.31 8.23
CE MSE A 170 4.32 -12.21 8.54
N ALA A 171 9.52 -9.35 9.04
CA ALA A 171 10.84 -9.95 8.82
C ALA A 171 11.91 -9.47 9.82
N LEU A 172 11.86 -8.18 10.16
CA LEU A 172 12.79 -7.61 11.11
C LEU A 172 12.48 -8.14 12.52
N SER A 173 11.23 -8.17 12.96
CA SER A 173 10.87 -8.60 14.30
C SER A 173 10.92 -10.13 14.50
N THR A 174 10.53 -10.96 13.49
CA THR A 174 10.43 -12.47 13.45
C THR A 174 9.23 -12.96 14.28
N GLN A 175 8.49 -12.03 14.84
CA GLN A 175 7.38 -12.35 15.68
C GLN A 175 6.11 -12.62 14.85
N PRO A 176 5.32 -13.63 15.28
CA PRO A 176 4.08 -13.91 14.54
C PRO A 176 3.05 -12.81 14.70
N VAL A 177 2.20 -12.64 13.68
CA VAL A 177 1.10 -11.67 13.70
C VAL A 177 -0.21 -12.48 13.73
N SER A 178 -1.17 -12.05 14.53
CA SER A 178 -2.48 -12.71 14.61
C SER A 178 -3.22 -12.57 13.27
N ALA A 179 -4.19 -13.47 12.96
CA ALA A 179 -5.00 -13.30 11.72
C ALA A 179 -5.68 -11.88 11.66
N ARG A 180 -6.26 -11.40 12.81
CA ARG A 180 -6.94 -10.06 12.85
C ARG A 180 -5.96 -8.93 12.45
N ARG A 181 -4.74 -9.04 12.93
CA ARG A 181 -3.71 -8.06 12.59
C ARG A 181 -3.28 -8.23 11.14
N ALA A 182 -3.19 -9.47 10.62
CA ALA A 182 -2.81 -9.72 9.24
C ALA A 182 -3.92 -9.17 8.30
N ALA A 183 -5.22 -9.19 8.74
CA ALA A 183 -6.32 -8.67 7.98
C ALA A 183 -6.21 -7.13 7.84
N ASP A 184 -5.64 -6.38 8.83
CA ASP A 184 -5.43 -4.90 8.75
C ASP A 184 -4.57 -4.46 7.59
N PHE A 185 -3.62 -5.30 7.15
CA PHE A 185 -2.75 -4.95 6.06
C PHE A 185 -2.88 -5.96 4.88
N ARG A 186 -4.01 -6.66 4.83
CA ARG A 186 -4.52 -7.54 3.78
C ARG A 186 -3.63 -8.75 3.50
N LEU A 187 -2.83 -9.19 4.52
CA LEU A 187 -2.15 -10.47 4.41
C LEU A 187 -3.27 -11.53 4.48
N VAL A 188 -4.32 -11.24 5.27
CA VAL A 188 -5.56 -12.01 5.30
C VAL A 188 -6.63 -11.15 4.67
N ASP A 189 -7.40 -11.73 3.76
CA ASP A 189 -8.50 -11.00 3.09
C ASP A 189 -9.74 -11.01 3.98
N GLU A 190 -9.99 -12.15 4.65
CA GLU A 190 -11.12 -12.22 5.58
C GLU A 190 -10.83 -13.16 6.72
N VAL A 191 -11.17 -12.72 7.94
CA VAL A 191 -11.10 -13.55 9.15
C VAL A 191 -12.49 -14.10 9.30
N VAL A 192 -12.63 -15.41 9.34
CA VAL A 192 -13.94 -16.05 9.47
C VAL A 192 -13.89 -17.23 10.43
N PRO A 193 -15.06 -17.61 10.98
CA PRO A 193 -15.10 -18.81 11.83
C PRO A 193 -14.77 -20.09 11.03
N ASP A 194 -15.23 -20.19 9.78
CA ASP A 194 -15.08 -21.40 8.96
C ASP A 194 -14.67 -21.02 7.52
N PRO A 195 -13.41 -21.27 7.15
CA PRO A 195 -12.99 -20.89 5.79
C PRO A 195 -13.70 -21.69 4.67
N ASP A 196 -14.08 -22.98 4.89
CA ASP A 196 -14.75 -23.77 3.84
C ASP A 196 -16.09 -23.15 3.47
N ALA A 197 -16.79 -22.55 4.47
CA ALA A 197 -18.05 -21.86 4.28
C ALA A 197 -17.83 -20.56 3.50
N ALA A 198 -16.74 -19.83 3.77
CA ALA A 198 -16.41 -18.64 2.98
C ALA A 198 -16.11 -18.99 1.51
N VAL A 199 -15.45 -20.17 1.25
CA VAL A 199 -15.16 -20.56 -0.13
C VAL A 199 -16.48 -20.88 -0.82
N ARG A 200 -17.39 -21.56 -0.13
CA ARG A 200 -18.74 -21.83 -0.72
C ARG A 200 -19.49 -20.51 -0.97
N ARG A 201 -19.37 -19.51 -0.09
CA ARG A 201 -20.01 -18.22 -0.33
C ARG A 201 -19.40 -17.53 -1.58
N LEU A 202 -18.08 -17.58 -1.71
CA LEU A 202 -17.49 -16.90 -2.85
C LEU A 202 -17.78 -17.62 -4.17
N LEU A 203 -18.13 -18.94 -4.15
CA LEU A 203 -18.52 -19.65 -5.34
C LEU A 203 -19.78 -19.06 -5.97
N VAL A 204 -20.65 -18.40 -5.17
CA VAL A 204 -21.93 -17.83 -5.66
C VAL A 204 -21.65 -16.84 -6.79
N ARG A 205 -20.68 -15.92 -6.63
CA ARG A 205 -20.33 -14.95 -7.68
C ARG A 205 -19.28 -15.50 -8.65
N LEU A 206 -18.30 -16.24 -8.14
CA LEU A 206 -17.21 -16.77 -8.98
C LEU A 206 -17.69 -17.76 -10.09
N THR A 207 -18.74 -18.57 -9.82
CA THR A 207 -19.24 -19.52 -10.84
C THR A 207 -19.79 -18.79 -12.09
N ARG A 208 -20.24 -17.52 -11.92
CA ARG A 208 -20.84 -16.67 -12.96
C ARG A 208 -19.75 -16.12 -13.91
N LEU A 209 -18.45 -16.26 -13.53
CA LEU A 209 -17.34 -15.73 -14.35
C LEU A 209 -16.72 -16.81 -15.21
N ASP A 210 -16.45 -16.46 -16.48
CA ASP A 210 -15.77 -17.35 -17.42
C ASP A 210 -14.31 -17.47 -17.02
N PRO A 211 -13.72 -18.71 -17.04
CA PRO A 211 -12.30 -18.87 -16.71
C PRO A 211 -11.38 -17.98 -17.53
N ALA A 212 -11.75 -17.71 -18.81
CA ALA A 212 -10.94 -16.85 -19.69
C ALA A 212 -10.93 -15.41 -19.11
N THR A 213 -12.00 -14.98 -18.40
CA THR A 213 -11.99 -13.64 -17.82
C THR A 213 -11.08 -13.61 -16.58
N ILE A 214 -10.99 -14.74 -15.82
CA ILE A 214 -10.13 -14.86 -14.65
C ILE A 214 -8.69 -14.74 -15.12
N GLY A 215 -8.36 -15.45 -16.21
CA GLY A 215 -7.04 -15.46 -16.82
C GLY A 215 -6.66 -14.08 -17.33
N GLU A 216 -7.59 -13.38 -17.97
CA GLU A 216 -7.33 -12.02 -18.46
C GLU A 216 -7.18 -11.02 -17.31
N LEU A 217 -8.01 -11.13 -16.24
CA LEU A 217 -7.94 -10.23 -15.07
C LEU A 217 -6.54 -10.32 -14.40
N LYS A 218 -6.11 -11.57 -14.16
CA LYS A 218 -4.85 -11.90 -13.52
C LYS A 218 -3.66 -11.45 -14.33
N GLN A 219 -3.73 -11.62 -15.66
CA GLN A 219 -2.67 -11.20 -16.56
C GLN A 219 -2.50 -9.69 -16.51
N TYR A 220 -3.62 -8.96 -16.64
CA TYR A 220 -3.63 -7.50 -16.58
C TYR A 220 -3.11 -6.99 -15.21
N PHE A 221 -3.53 -7.62 -14.12
CA PHE A 221 -3.08 -7.19 -12.80
C PHE A 221 -1.59 -7.40 -12.62
N ARG A 222 -0.99 -8.37 -13.32
CA ARG A 222 0.45 -8.60 -13.28
C ARG A 222 1.21 -7.34 -13.79
N ALA A 223 0.61 -6.63 -14.77
CA ALA A 223 1.16 -5.39 -15.34
C ALA A 223 0.92 -4.14 -14.46
N MSE A 224 0.04 -4.26 -13.44
CA MSE A 224 -0.40 -3.24 -12.49
C MSE A 224 0.57 -3.12 -11.26
O MSE A 224 0.39 -2.23 -10.41
CB MSE A 224 -1.85 -3.49 -12.05
CG MSE A 224 -2.90 -3.28 -13.20
SE MSE A 224 -2.97 -1.49 -13.99
CE MSE A 224 -2.00 -1.68 -15.61
N TRP A 225 1.57 -3.99 -11.17
CA TRP A 225 2.56 -3.89 -10.13
C TRP A 225 3.92 -3.70 -10.82
N PHE A 226 4.99 -3.41 -10.04
CA PHE A 226 6.30 -3.10 -10.57
C PHE A 226 7.23 -4.35 -10.63
N THR A 227 6.81 -5.49 -10.03
CA THR A 227 7.60 -6.72 -10.07
C THR A 227 7.39 -7.44 -11.40
N THR A 228 8.45 -8.15 -11.86
CA THR A 228 8.53 -8.92 -13.12
C THR A 228 9.02 -10.32 -12.84
N GLU A 229 9.25 -11.10 -13.93
CA GLU A 229 9.81 -12.45 -13.86
C GLU A 229 11.28 -12.36 -13.43
N ASP A 230 11.93 -11.21 -13.70
CA ASP A 230 13.31 -10.95 -13.32
C ASP A 230 13.46 -10.81 -11.80
N THR A 231 12.38 -10.49 -11.10
CA THR A 231 12.37 -10.40 -9.65
C THR A 231 12.56 -11.81 -9.04
N ASP A 232 11.93 -12.83 -9.68
CA ASP A 232 12.03 -14.23 -9.29
C ASP A 232 13.48 -14.77 -9.35
N ALA A 233 14.20 -14.46 -10.46
CA ALA A 233 15.61 -14.89 -10.58
C ALA A 233 16.51 -14.15 -9.56
N PHE A 234 16.20 -12.86 -9.26
CA PHE A 234 17.00 -12.08 -8.30
C PHE A 234 16.87 -12.73 -6.92
N ALA A 235 15.64 -12.95 -6.48
CA ALA A 235 15.25 -13.59 -5.22
C ALA A 235 16.01 -14.87 -5.04
N LEU A 236 15.99 -15.77 -6.07
CA LEU A 236 16.65 -17.07 -6.04
C LEU A 236 18.16 -16.91 -5.92
N ARG A 237 18.73 -15.95 -6.64
CA ARG A 237 20.19 -15.77 -6.60
C ARG A 237 20.59 -15.26 -5.22
N GLU A 238 19.81 -14.31 -4.68
CA GLU A 238 20.09 -13.72 -3.38
C GLU A 238 19.96 -14.77 -2.27
N PHE A 239 18.91 -15.59 -2.32
CA PHE A 239 18.71 -16.67 -1.33
C PHE A 239 19.86 -17.74 -1.40
N THR A 240 20.23 -18.17 -2.60
CA THR A 240 21.28 -19.18 -2.76
C THR A 240 22.64 -18.59 -2.21
N ARG A 241 22.91 -17.27 -2.36
CA ARG A 241 24.15 -16.68 -1.81
C ARG A 241 24.05 -16.65 -0.28
N LEU A 242 22.93 -16.19 0.25
CA LEU A 242 22.72 -16.09 1.71
C LEU A 242 22.77 -17.44 2.41
N ILE A 243 22.17 -18.48 1.80
CA ILE A 243 22.13 -19.82 2.39
C ILE A 243 23.57 -20.41 2.49
N ASP A 244 24.51 -19.93 1.66
CA ASP A 244 25.91 -20.35 1.76
C ASP A 244 26.77 -19.31 2.56
N SER A 245 26.14 -18.26 3.11
CA SER A 245 26.86 -17.23 3.89
C SER A 245 27.35 -17.78 5.29
N PRO A 246 28.42 -17.24 5.89
CA PRO A 246 28.92 -17.83 7.16
C PRO A 246 27.92 -17.83 8.31
N VAL A 247 27.06 -16.78 8.43
CA VAL A 247 26.12 -16.73 9.55
C VAL A 247 25.03 -17.82 9.31
N ALA A 248 24.49 -17.89 8.09
CA ALA A 248 23.44 -18.87 7.77
C ALA A 248 23.95 -20.32 7.90
N ARG A 249 25.18 -20.61 7.39
CA ARG A 249 25.77 -21.92 7.46
C ARG A 249 25.85 -22.40 8.92
N ARG A 250 26.37 -21.54 9.83
CA ARG A 250 26.52 -21.77 11.27
C ARG A 250 25.18 -22.08 11.96
N ARG A 251 24.23 -21.16 11.84
CA ARG A 251 22.94 -21.28 12.51
C ARG A 251 22.12 -22.48 12.01
N ILE A 252 22.09 -22.71 10.68
CA ILE A 252 21.33 -23.82 10.07
C ILE A 252 21.98 -25.16 10.46
N THR A 253 23.31 -25.22 10.53
CA THR A 253 23.99 -26.47 10.93
C THR A 253 23.56 -26.83 12.35
N ASP A 254 23.48 -25.81 13.25
CA ASP A 254 23.04 -25.97 14.64
C ASP A 254 21.56 -26.35 14.73
N TYR A 255 20.69 -25.79 13.88
CA TYR A 255 19.26 -26.12 13.87
C TYR A 255 19.04 -27.59 13.54
N THR A 256 19.74 -28.10 12.51
CA THR A 256 19.62 -29.48 12.03
C THR A 256 20.47 -30.50 12.86
N THR A 257 21.40 -30.03 13.74
CA THR A 257 22.24 -30.91 14.57
C THR A 257 22.03 -30.61 16.08
N ARG B 12 -26.75 18.28 -20.14
CA ARG B 12 -25.48 17.61 -20.50
C ARG B 12 -25.27 16.30 -19.72
N GLY B 13 -26.18 16.01 -18.79
CA GLY B 13 -26.11 14.87 -17.88
C GLY B 13 -25.31 15.28 -16.66
N VAL B 14 -24.86 16.55 -16.65
CA VAL B 14 -24.03 17.16 -15.62
C VAL B 14 -24.59 18.57 -15.29
N ARG B 15 -24.93 18.81 -14.01
CA ARG B 15 -25.39 20.10 -13.50
C ARG B 15 -24.21 20.82 -12.81
N LEU B 16 -23.92 22.05 -13.24
CA LEU B 16 -22.85 22.86 -12.63
C LEU B 16 -23.44 23.96 -11.79
N THR B 17 -22.90 24.13 -10.57
CA THR B 17 -23.27 25.12 -9.55
C THR B 17 -22.03 25.69 -8.94
N ALA B 18 -21.99 27.00 -8.86
CA ALA B 18 -20.91 27.79 -8.30
C ALA B 18 -21.28 28.13 -6.87
N GLU B 19 -20.37 27.82 -5.96
CA GLU B 19 -20.50 28.03 -4.53
C GLU B 19 -19.23 28.74 -4.02
N PRO B 20 -19.15 29.30 -2.79
CA PRO B 20 -17.91 30.02 -2.41
C PRO B 20 -16.68 29.11 -2.48
N HIS B 21 -15.73 29.44 -3.38
CA HIS B 21 -14.47 28.68 -3.64
C HIS B 21 -14.70 27.30 -4.27
N VAL B 22 -15.92 26.99 -4.70
CA VAL B 22 -16.27 25.65 -5.16
C VAL B 22 -17.07 25.66 -6.43
N LEU B 23 -16.73 24.71 -7.32
CA LEU B 23 -17.51 24.42 -8.51
C LEU B 23 -18.08 23.02 -8.31
N ARG B 24 -19.41 22.92 -8.24
CA ARG B 24 -20.11 21.67 -8.01
C ARG B 24 -20.59 21.09 -9.33
N ALA B 25 -20.14 19.89 -9.61
CA ALA B 25 -20.47 19.13 -10.78
C ALA B 25 -21.29 17.91 -10.31
N THR B 26 -22.62 18.03 -10.48
CA THR B 26 -23.58 17.03 -10.10
C THR B 26 -23.99 16.21 -11.31
N LEU B 27 -23.71 14.88 -11.26
CA LEU B 27 -24.10 13.93 -12.30
C LEU B 27 -25.55 13.59 -12.05
N THR B 28 -26.37 13.82 -13.05
CA THR B 28 -27.81 13.60 -13.02
C THR B 28 -28.23 12.88 -14.32
N SER B 29 -29.16 11.94 -14.25
CA SER B 29 -29.63 11.21 -15.45
C SER B 29 -31.07 10.71 -15.24
N PRO B 30 -31.93 10.72 -16.29
CA PRO B 30 -33.30 10.21 -16.11
C PRO B 30 -33.33 8.72 -15.75
N ASP B 31 -32.38 7.91 -16.31
CA ASP B 31 -32.27 6.47 -16.05
C ASP B 31 -31.59 6.15 -14.70
N GLY B 32 -31.16 7.20 -13.99
CA GLY B 32 -30.51 7.14 -12.68
C GLY B 32 -29.14 6.48 -12.62
N LEU B 33 -28.62 5.99 -13.77
CA LEU B 33 -27.34 5.31 -13.77
C LEU B 33 -26.17 6.26 -13.79
N ASN B 34 -26.37 7.57 -14.09
CA ASN B 34 -25.25 8.54 -14.12
C ASN B 34 -24.05 7.97 -14.92
N SER B 35 -24.31 7.39 -16.12
CA SER B 35 -23.32 6.82 -17.04
C SER B 35 -22.35 7.90 -17.57
N LEU B 36 -21.09 7.53 -17.83
CA LEU B 36 -20.16 8.48 -18.41
C LEU B 36 -20.14 8.33 -19.92
N SER B 37 -20.95 9.15 -20.56
CA SER B 37 -21.07 9.21 -22.00
C SER B 37 -20.10 10.26 -22.52
N GLY B 38 -19.90 10.30 -23.83
CA GLY B 38 -19.06 11.29 -24.49
C GLY B 38 -19.45 12.68 -24.05
N ALA B 39 -20.77 12.96 -24.05
CA ALA B 39 -21.39 14.20 -23.62
C ALA B 39 -21.10 14.53 -22.16
N ALA B 40 -21.13 13.52 -21.24
CA ALA B 40 -20.88 13.75 -19.81
C ALA B 40 -19.41 13.96 -19.53
N LEU B 41 -18.53 13.25 -20.23
CA LEU B 41 -17.09 13.37 -20.09
C LEU B 41 -16.59 14.72 -20.62
N ASP B 42 -17.24 15.21 -21.70
CA ASP B 42 -16.97 16.52 -22.30
C ASP B 42 -17.39 17.63 -21.31
N ALA B 43 -18.59 17.49 -20.72
CA ALA B 43 -19.14 18.42 -19.72
C ALA B 43 -18.23 18.48 -18.49
N LEU B 44 -17.66 17.32 -18.07
CA LEU B 44 -16.75 17.27 -16.90
C LEU B 44 -15.42 17.96 -17.20
N GLY B 45 -14.94 17.82 -18.43
CA GLY B 45 -13.73 18.48 -18.92
C GLY B 45 -13.94 19.96 -19.03
N ALA B 46 -15.15 20.39 -19.47
CA ALA B 46 -15.47 21.80 -19.55
C ALA B 46 -15.64 22.40 -18.14
N ALA B 47 -16.20 21.64 -17.22
CA ALA B 47 -16.37 22.05 -15.82
C ALA B 47 -14.99 22.35 -15.18
N LEU B 48 -14.00 21.49 -15.44
CA LEU B 48 -12.64 21.65 -14.93
C LEU B 48 -12.01 22.86 -15.59
N ASP B 49 -12.32 23.10 -16.88
CA ASP B 49 -11.85 24.32 -17.56
C ASP B 49 -12.41 25.56 -16.83
N ARG B 50 -13.66 25.48 -16.34
CA ARG B 50 -14.29 26.63 -15.67
C ARG B 50 -13.68 26.83 -14.29
N ALA B 51 -13.47 25.73 -13.54
CA ALA B 51 -12.88 25.76 -12.19
C ALA B 51 -11.49 26.34 -12.23
N GLU B 52 -10.70 25.94 -13.23
CA GLU B 52 -9.33 26.40 -13.49
C GLU B 52 -9.26 27.90 -13.88
N ALA B 53 -10.24 28.41 -14.68
CA ALA B 53 -10.26 29.82 -15.09
C ALA B 53 -10.73 30.76 -13.98
N ASP B 54 -11.28 30.24 -12.85
CA ASP B 54 -11.72 31.05 -11.71
C ASP B 54 -10.64 31.08 -10.61
N PRO B 55 -9.93 32.23 -10.39
CA PRO B 55 -8.88 32.27 -9.35
C PRO B 55 -9.36 31.99 -7.92
N GLU B 56 -10.65 32.20 -7.65
CA GLU B 56 -11.22 31.97 -6.33
C GLU B 56 -11.66 30.52 -6.12
N CYS B 57 -11.75 29.73 -7.23
CA CYS B 57 -12.23 28.35 -7.16
C CYS B 57 -11.11 27.45 -6.72
N ARG B 58 -11.27 26.81 -5.57
CA ARG B 58 -10.24 25.93 -5.02
C ARG B 58 -10.60 24.49 -5.13
N VAL B 59 -11.91 24.19 -5.26
CA VAL B 59 -12.36 22.80 -5.27
C VAL B 59 -13.30 22.55 -6.47
N LEU B 60 -13.05 21.40 -7.18
CA LEU B 60 -14.01 20.85 -8.14
C LEU B 60 -14.72 19.72 -7.36
N LEU B 61 -15.98 19.96 -6.98
CA LEU B 61 -16.75 19.04 -6.19
C LEU B 61 -17.58 18.17 -7.15
N LEU B 62 -17.26 16.87 -7.22
CA LEU B 62 -17.89 15.94 -8.12
C LEU B 62 -18.80 15.05 -7.33
N GLU B 63 -20.10 15.01 -7.70
CA GLU B 63 -21.04 14.18 -6.97
C GLU B 63 -22.07 13.62 -7.91
N GLY B 64 -22.86 12.70 -7.39
CA GLY B 64 -23.94 12.05 -8.11
C GLY B 64 -25.27 12.52 -7.62
N SER B 65 -26.30 11.72 -7.84
CA SER B 65 -27.66 12.10 -7.43
C SER B 65 -28.54 10.87 -7.31
N GLY B 66 -29.56 10.96 -6.45
CA GLY B 66 -30.58 9.96 -6.19
C GLY B 66 -30.11 8.54 -5.85
N GLY B 67 -29.02 8.41 -5.09
CA GLY B 67 -28.49 7.10 -4.72
C GLY B 67 -27.42 6.53 -5.63
N THR B 68 -27.06 7.25 -6.70
CA THR B 68 -25.96 6.79 -7.57
C THR B 68 -24.92 7.88 -7.78
N PHE B 69 -23.65 7.53 -7.59
CA PHE B 69 -22.56 8.43 -7.88
C PHE B 69 -22.31 8.37 -9.37
N CYS B 70 -21.90 7.19 -9.85
CA CYS B 70 -21.53 6.93 -11.26
C CYS B 70 -21.39 5.42 -11.51
N THR B 71 -21.93 4.93 -12.62
CA THR B 71 -21.79 3.49 -12.90
C THR B 71 -20.81 3.21 -14.07
N GLY B 72 -19.97 4.16 -14.37
CA GLY B 72 -18.95 3.94 -15.39
C GLY B 72 -19.31 4.47 -16.75
N LEU B 73 -18.67 3.91 -17.80
CA LEU B 73 -18.89 4.31 -19.20
C LEU B 73 -20.19 3.76 -19.79
N ASP B 74 -20.77 4.51 -20.75
CA ASP B 74 -22.03 4.22 -21.47
C ASP B 74 -21.83 3.02 -22.41
N ARG B 91 -11.89 5.29 -26.84
CA ARG B 91 -12.80 6.21 -27.54
C ARG B 91 -13.32 7.22 -26.52
N GLY B 92 -14.26 6.73 -25.72
CA GLY B 92 -14.79 7.38 -24.54
C GLY B 92 -13.82 6.98 -23.44
N GLY B 93 -13.18 5.80 -23.63
CA GLY B 93 -12.13 5.23 -22.80
C GLY B 93 -10.90 6.12 -22.77
N ALA B 94 -10.53 6.71 -23.94
CA ALA B 94 -9.43 7.67 -24.04
C ALA B 94 -9.82 8.98 -23.35
N GLU B 95 -11.06 9.42 -23.53
CA GLU B 95 -11.57 10.62 -22.91
C GLU B 95 -11.57 10.45 -21.38
N PHE B 96 -12.06 9.30 -20.92
CA PHE B 96 -12.15 8.96 -19.50
C PHE B 96 -10.76 8.98 -18.85
N LEU B 97 -9.78 8.32 -19.53
CA LEU B 97 -8.39 8.27 -19.07
C LEU B 97 -7.77 9.68 -19.08
N ALA B 98 -8.04 10.48 -20.12
CA ALA B 98 -7.52 11.84 -20.19
C ALA B 98 -8.11 12.72 -19.10
N LEU B 99 -9.40 12.55 -18.74
CA LEU B 99 -10.06 13.33 -17.68
C LEU B 99 -9.50 13.04 -16.28
N MSE B 100 -9.23 11.74 -16.00
CA MSE B 100 -8.62 11.27 -14.76
C MSE B 100 -7.19 11.82 -14.63
O MSE B 100 -6.79 12.21 -13.55
CB MSE B 100 -8.65 9.75 -14.70
CG MSE B 100 -10.06 9.20 -14.41
SE MSE B 100 -9.95 7.29 -13.97
CE MSE B 100 -9.56 6.62 -15.75
N ARG B 101 -6.43 11.82 -15.74
CA ARG B 101 -5.08 12.37 -15.75
C ARG B 101 -5.11 13.86 -15.41
N ARG B 102 -6.05 14.65 -15.99
CA ARG B 102 -6.25 16.05 -15.65
C ARG B 102 -6.47 16.21 -14.15
N PHE B 103 -7.28 15.31 -13.52
CA PHE B 103 -7.58 15.38 -12.09
C PHE B 103 -6.28 15.38 -11.26
N GLY B 104 -5.29 14.63 -11.74
CA GLY B 104 -3.98 14.43 -11.11
C GLY B 104 -3.00 15.55 -11.31
N GLU B 105 -3.34 16.53 -12.13
CA GLU B 105 -2.43 17.64 -12.40
C GLU B 105 -3.07 18.98 -12.16
N THR B 106 -4.41 19.05 -12.26
CA THR B 106 -5.13 20.32 -12.17
C THR B 106 -4.75 21.07 -10.86
N PRO B 107 -4.49 22.40 -10.91
CA PRO B 107 -4.06 23.12 -9.70
C PRO B 107 -5.20 23.43 -8.72
N LEU B 108 -6.10 22.49 -8.52
CA LEU B 108 -7.20 22.63 -7.59
C LEU B 108 -7.48 21.26 -7.01
N ALA B 109 -8.25 21.21 -5.92
CA ALA B 109 -8.57 19.94 -5.30
C ALA B 109 -9.85 19.34 -5.88
N VAL B 110 -9.71 18.16 -6.48
CA VAL B 110 -10.89 17.43 -7.01
C VAL B 110 -11.37 16.53 -5.90
N VAL B 111 -12.62 16.72 -5.47
CA VAL B 111 -13.14 15.95 -4.37
C VAL B 111 -14.36 15.23 -4.86
N ALA B 112 -14.34 13.89 -4.79
CA ALA B 112 -15.47 13.04 -5.17
C ALA B 112 -16.30 12.83 -3.92
N CYS B 113 -17.52 13.33 -3.96
CA CYS B 113 -18.46 13.20 -2.84
C CYS B 113 -19.42 12.12 -3.23
N VAL B 114 -19.28 10.97 -2.57
CA VAL B 114 -20.07 9.77 -2.92
C VAL B 114 -21.21 9.58 -1.96
N ASP B 115 -22.42 9.46 -2.52
CA ASP B 115 -23.58 9.19 -1.68
C ASP B 115 -24.41 8.09 -2.38
N GLY B 116 -24.00 6.85 -2.25
CA GLY B 116 -24.68 5.74 -2.92
C GLY B 116 -23.72 4.94 -3.80
N ARG B 117 -24.23 4.43 -4.93
CA ARG B 117 -23.54 3.52 -5.85
C ARG B 117 -22.44 4.14 -6.70
N ALA B 118 -21.23 3.57 -6.59
CA ALA B 118 -20.07 3.79 -7.45
C ALA B 118 -19.67 2.41 -8.02
N ALA B 119 -19.85 2.15 -9.34
CA ALA B 119 -19.58 0.87 -10.01
C ALA B 119 -18.75 1.07 -11.23
N GLY B 120 -17.83 0.14 -11.40
CA GLY B 120 -16.92 0.07 -12.53
C GLY B 120 -16.18 1.36 -12.77
N GLY B 121 -16.44 1.98 -13.92
CA GLY B 121 -15.83 3.26 -14.25
C GLY B 121 -16.10 4.33 -13.22
N GLY B 122 -17.23 4.23 -12.51
CA GLY B 122 -17.58 5.19 -11.46
C GLY B 122 -16.58 5.15 -10.31
N VAL B 123 -16.01 3.97 -10.06
CA VAL B 123 -14.96 3.78 -9.01
C VAL B 123 -13.67 4.48 -9.43
N GLY B 124 -13.33 4.38 -10.73
CA GLY B 124 -12.18 5.05 -11.31
C GLY B 124 -12.30 6.56 -11.20
N LEU B 125 -13.50 7.11 -11.50
CA LEU B 125 -13.79 8.55 -11.43
C LEU B 125 -13.62 9.06 -9.99
N ALA B 126 -14.07 8.28 -8.99
CA ALA B 126 -13.83 8.66 -7.59
C ALA B 126 -12.35 8.49 -7.21
N ALA B 127 -11.77 7.30 -7.48
CA ALA B 127 -10.38 7.01 -7.08
C ALA B 127 -9.37 8.01 -7.70
N ALA B 128 -9.69 8.62 -8.87
CA ALA B 128 -8.83 9.59 -9.54
C ALA B 128 -8.87 10.97 -8.87
N ALA B 129 -9.90 11.23 -8.06
CA ALA B 129 -10.02 12.49 -7.35
C ALA B 129 -8.91 12.56 -6.31
N ASP B 130 -8.60 13.78 -5.87
CA ASP B 130 -7.64 14.01 -4.80
C ASP B 130 -8.16 13.36 -3.50
N LEU B 131 -9.49 13.58 -3.17
CA LEU B 131 -10.11 13.05 -1.96
C LEU B 131 -11.43 12.43 -2.28
N VAL B 132 -11.70 11.33 -1.59
CA VAL B 132 -12.99 10.65 -1.73
C VAL B 132 -13.70 10.74 -0.37
N ILE B 133 -14.84 11.41 -0.35
CA ILE B 133 -15.66 11.67 0.87
C ILE B 133 -17.00 10.98 0.67
N ALA B 134 -17.38 10.05 1.53
CA ALA B 134 -18.58 9.22 1.25
C ALA B 134 -19.52 9.12 2.43
N THR B 135 -20.80 8.86 2.17
CA THR B 135 -21.78 8.58 3.19
C THR B 135 -21.73 7.11 3.49
N GLU B 136 -22.24 6.75 4.66
CA GLU B 136 -22.24 5.36 5.08
C GLU B 136 -22.96 4.41 4.09
N ARG B 137 -24.07 4.83 3.44
CA ARG B 137 -24.81 3.97 2.55
C ARG B 137 -24.09 3.65 1.21
N SER B 138 -22.96 4.37 0.90
CA SER B 138 -22.23 4.20 -0.33
C SER B 138 -21.59 2.81 -0.46
N GLU B 139 -21.50 2.31 -1.67
CA GLU B 139 -20.92 1.01 -2.06
C GLU B 139 -20.08 1.19 -3.25
N PHE B 140 -18.97 0.42 -3.32
CA PHE B 140 -18.02 0.48 -4.43
C PHE B 140 -17.89 -0.94 -4.98
N SER B 141 -17.98 -1.09 -6.31
CA SER B 141 -17.83 -2.40 -6.93
C SER B 141 -17.13 -2.36 -8.29
N LEU B 142 -16.56 -3.48 -8.68
CA LEU B 142 -15.93 -3.66 -9.99
C LEU B 142 -16.59 -4.88 -10.58
N PRO B 143 -17.79 -4.71 -11.17
CA PRO B 143 -18.53 -5.88 -11.71
C PRO B 143 -18.09 -6.27 -13.12
N GLU B 144 -17.13 -5.55 -13.74
CA GLU B 144 -16.69 -5.81 -15.13
C GLU B 144 -16.48 -7.31 -15.45
N ALA B 145 -15.91 -8.15 -14.52
CA ALA B 145 -15.66 -9.58 -14.88
C ALA B 145 -16.97 -10.33 -15.27
N LEU B 146 -18.11 -9.84 -14.79
CA LEU B 146 -19.42 -10.39 -15.08
C LEU B 146 -19.74 -10.32 -16.56
N TRP B 147 -19.31 -9.26 -17.25
CA TRP B 147 -19.54 -9.10 -18.69
C TRP B 147 -18.29 -9.46 -19.51
N GLY B 148 -17.38 -10.23 -18.90
CA GLY B 148 -16.15 -10.67 -19.54
C GLY B 148 -15.12 -9.58 -19.73
N LEU B 149 -15.21 -8.53 -18.92
CA LEU B 149 -14.26 -7.41 -19.01
C LEU B 149 -13.35 -7.35 -17.79
N VAL B 150 -12.34 -6.50 -17.92
CA VAL B 150 -11.41 -6.15 -16.87
C VAL B 150 -11.53 -4.62 -16.73
N PRO B 151 -11.55 -4.05 -15.51
CA PRO B 151 -11.65 -2.55 -15.40
C PRO B 151 -10.28 -1.91 -15.68
N CYS B 152 -9.75 -2.15 -16.89
CA CYS B 152 -8.44 -1.71 -17.35
C CYS B 152 -8.13 -0.23 -17.05
N CYS B 153 -9.05 0.65 -17.37
CA CYS B 153 -8.88 2.11 -17.20
C CYS B 153 -8.88 2.57 -15.76
N VAL B 154 -9.59 1.86 -14.88
CA VAL B 154 -9.75 2.15 -13.46
C VAL B 154 -8.55 1.76 -12.63
N LEU B 155 -7.97 0.57 -12.93
CA LEU B 155 -6.98 -0.06 -12.10
C LEU B 155 -5.69 0.74 -11.89
N PRO B 156 -5.14 1.49 -12.84
CA PRO B 156 -3.90 2.24 -12.52
C PRO B 156 -4.11 3.25 -11.37
N VAL B 157 -5.23 4.03 -11.38
CA VAL B 157 -5.45 5.00 -10.29
C VAL B 157 -6.01 4.24 -9.05
N LEU B 158 -6.76 3.16 -9.24
CA LEU B 158 -7.30 2.46 -8.07
C LEU B 158 -6.16 1.82 -7.27
N VAL B 159 -5.28 1.06 -7.96
CA VAL B 159 -4.17 0.36 -7.30
C VAL B 159 -3.26 1.40 -6.55
N ARG B 160 -3.02 2.59 -7.14
CA ARG B 160 -2.23 3.66 -6.51
C ARG B 160 -2.88 4.10 -5.21
N ARG B 161 -4.19 4.17 -5.17
CA ARG B 161 -4.95 4.59 -4.00
C ARG B 161 -5.05 3.49 -2.95
N THR B 162 -5.32 2.25 -3.35
CA THR B 162 -5.62 1.24 -2.29
C THR B 162 -4.54 0.21 -2.06
N GLY B 163 -3.58 0.20 -2.97
CA GLY B 163 -2.59 -0.85 -3.09
C GLY B 163 -3.19 -1.91 -4.01
N PHE B 164 -2.39 -2.89 -4.33
CA PHE B 164 -2.71 -4.00 -5.22
C PHE B 164 -3.86 -4.88 -4.72
N GLN B 165 -3.74 -5.49 -3.52
CA GLN B 165 -4.68 -6.50 -3.06
C GLN B 165 -6.12 -5.99 -2.94
N PRO B 166 -6.48 -4.81 -2.32
CA PRO B 166 -7.91 -4.43 -2.24
C PRO B 166 -8.60 -4.32 -3.61
N ALA B 167 -7.89 -3.74 -4.61
CA ALA B 167 -8.31 -3.55 -6.00
C ALA B 167 -8.47 -4.91 -6.68
N TYR B 168 -7.49 -5.83 -6.46
CA TYR B 168 -7.57 -7.19 -7.01
C TYR B 168 -8.79 -8.01 -6.44
N ALA B 169 -8.92 -8.09 -5.11
CA ALA B 169 -10.06 -8.76 -4.50
C ALA B 169 -11.44 -8.18 -5.03
N MSE B 170 -11.56 -6.85 -5.15
CA MSE B 170 -12.76 -6.21 -5.66
C MSE B 170 -13.10 -6.68 -7.07
O MSE B 170 -14.23 -7.07 -7.30
CB MSE B 170 -12.62 -4.69 -5.66
CG MSE B 170 -12.91 -4.10 -4.30
SE MSE B 170 -12.62 -2.18 -4.40
CE MSE B 170 -14.26 -1.79 -5.31
N ALA B 171 -12.10 -6.70 -8.00
CA ALA B 171 -12.31 -7.11 -9.40
C ALA B 171 -12.58 -8.62 -9.54
N LEU B 172 -11.88 -9.44 -8.71
CA LEU B 172 -12.02 -10.89 -8.79
C LEU B 172 -13.36 -11.30 -8.24
N SER B 173 -13.75 -10.77 -7.07
CA SER B 173 -15.03 -11.09 -6.44
C SER B 173 -16.25 -10.42 -7.12
N THR B 174 -16.13 -9.15 -7.65
CA THR B 174 -17.24 -8.37 -8.29
C THR B 174 -18.27 -7.91 -7.18
N GLN B 175 -18.00 -8.27 -5.91
CA GLN B 175 -18.87 -7.99 -4.79
C GLN B 175 -18.68 -6.54 -4.35
N PRO B 176 -19.76 -5.75 -4.14
CA PRO B 176 -19.56 -4.35 -3.68
C PRO B 176 -19.03 -4.28 -2.27
N VAL B 177 -18.33 -3.18 -1.97
CA VAL B 177 -17.73 -2.94 -0.66
C VAL B 177 -18.40 -1.70 -0.09
N SER B 178 -18.81 -1.76 1.17
CA SER B 178 -19.43 -0.63 1.88
C SER B 178 -18.45 0.53 1.97
N ALA B 179 -18.92 1.77 2.14
CA ALA B 179 -18.00 2.92 2.34
C ALA B 179 -16.99 2.65 3.55
N ARG B 180 -17.45 2.10 4.69
CA ARG B 180 -16.60 1.80 5.89
C ARG B 180 -15.46 0.88 5.57
N ARG B 181 -15.74 -0.16 4.82
CA ARG B 181 -14.71 -1.10 4.39
C ARG B 181 -13.76 -0.45 3.34
N ALA B 182 -14.29 0.40 2.45
CA ALA B 182 -13.51 1.11 1.44
C ALA B 182 -12.56 2.12 2.13
N ALA B 183 -12.99 2.72 3.26
CA ALA B 183 -12.14 3.60 4.05
C ALA B 183 -10.98 2.80 4.64
N ASP B 184 -11.19 1.50 5.00
CA ASP B 184 -10.06 0.68 5.57
C ASP B 184 -8.87 0.62 4.62
N PHE B 185 -9.12 0.71 3.31
CA PHE B 185 -7.98 0.64 2.38
C PHE B 185 -7.82 1.95 1.53
N ARG B 186 -8.34 3.08 2.04
N ARG B 186 -8.33 3.07 2.07
CA ARG B 186 -8.23 4.44 1.50
CA ARG B 186 -8.21 4.43 1.53
C ARG B 186 -8.90 4.64 0.16
C ARG B 186 -8.90 4.65 0.18
N LEU B 187 -9.84 3.78 -0.24
CA LEU B 187 -10.61 4.02 -1.48
C LEU B 187 -11.53 5.23 -1.14
N VAL B 188 -11.95 5.31 0.15
CA VAL B 188 -12.64 6.44 0.75
C VAL B 188 -11.66 7.06 1.72
N ASP B 189 -11.48 8.38 1.67
CA ASP B 189 -10.57 9.09 2.61
C ASP B 189 -11.33 9.35 3.92
N GLU B 190 -12.64 9.57 3.85
CA GLU B 190 -13.44 9.81 5.06
C GLU B 190 -14.89 9.48 4.87
N VAL B 191 -15.49 8.72 5.83
CA VAL B 191 -16.95 8.41 5.85
C VAL B 191 -17.61 9.46 6.71
N VAL B 192 -18.57 10.20 6.18
CA VAL B 192 -19.22 11.26 6.95
C VAL B 192 -20.70 11.27 6.72
N PRO B 193 -21.46 11.85 7.67
CA PRO B 193 -22.91 12.01 7.45
C PRO B 193 -23.20 12.95 6.26
N ASP B 194 -22.38 14.00 6.04
CA ASP B 194 -22.65 15.01 5.00
C ASP B 194 -21.37 15.43 4.21
N PRO B 195 -21.19 14.92 2.98
CA PRO B 195 -19.95 15.26 2.24
C PRO B 195 -19.85 16.75 1.91
N ASP B 196 -20.97 17.49 1.78
CA ASP B 196 -20.87 18.95 1.51
C ASP B 196 -20.30 19.70 2.71
N ALA B 197 -20.69 19.26 3.93
CA ALA B 197 -20.21 19.82 5.19
C ALA B 197 -18.68 19.52 5.34
N ALA B 198 -18.23 18.28 4.98
CA ALA B 198 -16.81 17.92 5.01
C ALA B 198 -16.00 18.77 3.98
N VAL B 199 -16.59 19.09 2.80
CA VAL B 199 -15.91 19.94 1.78
C VAL B 199 -15.79 21.36 2.37
N ARG B 200 -16.80 21.83 3.07
CA ARG B 200 -16.75 23.18 3.67
C ARG B 200 -15.67 23.22 4.73
N ARG B 201 -15.48 22.12 5.47
CA ARG B 201 -14.43 21.98 6.47
C ARG B 201 -13.04 21.99 5.79
N LEU B 202 -12.87 21.25 4.66
CA LEU B 202 -11.62 21.22 3.86
C LEU B 202 -11.18 22.62 3.40
N LEU B 203 -12.18 23.45 3.01
CA LEU B 203 -11.90 24.82 2.53
C LEU B 203 -11.16 25.68 3.52
N VAL B 204 -11.32 25.41 4.82
CA VAL B 204 -10.66 26.21 5.87
C VAL B 204 -9.13 26.16 5.66
N ARG B 205 -8.57 24.99 5.34
CA ARG B 205 -7.12 24.92 5.13
C ARG B 205 -6.75 25.16 3.66
N LEU B 206 -7.56 24.65 2.72
CA LEU B 206 -7.28 24.78 1.30
C LEU B 206 -7.19 26.21 0.82
N THR B 207 -8.01 27.11 1.38
CA THR B 207 -8.01 28.51 0.91
C THR B 207 -6.72 29.25 1.29
N ARG B 208 -5.88 28.65 2.18
CA ARG B 208 -4.61 29.24 2.63
C ARG B 208 -3.48 28.89 1.70
N LEU B 209 -3.71 27.93 0.80
CA LEU B 209 -2.70 27.44 -0.17
C LEU B 209 -2.86 28.14 -1.52
N ASP B 210 -1.73 28.46 -2.12
CA ASP B 210 -1.67 29.08 -3.44
C ASP B 210 -1.92 28.01 -4.49
N PRO B 211 -2.71 28.29 -5.57
CA PRO B 211 -2.94 27.26 -6.59
C PRO B 211 -1.64 26.77 -7.26
N ALA B 212 -0.58 27.64 -7.33
CA ALA B 212 0.71 27.22 -7.93
C ALA B 212 1.32 26.10 -7.07
N THR B 213 1.08 26.14 -5.75
CA THR B 213 1.59 25.12 -4.86
C THR B 213 0.84 23.81 -5.05
N ILE B 214 -0.49 23.84 -5.19
CA ILE B 214 -1.26 22.62 -5.41
C ILE B 214 -0.76 21.92 -6.67
N GLY B 215 -0.61 22.67 -7.76
CA GLY B 215 -0.08 22.17 -9.03
C GLY B 215 1.33 21.62 -8.91
N GLU B 216 2.24 22.26 -8.12
CA GLU B 216 3.62 21.76 -7.90
C GLU B 216 3.57 20.46 -7.07
N LEU B 217 2.71 20.44 -6.04
CA LEU B 217 2.53 19.27 -5.19
C LEU B 217 2.04 18.07 -6.02
N LYS B 218 1.03 18.29 -6.87
CA LYS B 218 0.45 17.23 -7.69
C LYS B 218 1.40 16.73 -8.73
N GLN B 219 2.21 17.62 -9.36
CA GLN B 219 3.22 17.23 -10.33
C GLN B 219 4.27 16.37 -9.67
N TYR B 220 4.75 16.81 -8.51
CA TYR B 220 5.75 16.07 -7.77
C TYR B 220 5.20 14.69 -7.34
N PHE B 221 3.94 14.63 -6.88
CA PHE B 221 3.36 13.35 -6.48
C PHE B 221 3.23 12.43 -7.66
N ARG B 222 3.09 12.98 -8.90
CA ARG B 222 3.11 12.17 -10.11
C ARG B 222 4.45 11.35 -10.22
N ALA B 223 5.58 11.98 -9.86
CA ALA B 223 6.90 11.33 -9.87
C ALA B 223 7.08 10.31 -8.72
N MSE B 224 6.20 10.32 -7.73
CA MSE B 224 6.27 9.43 -6.56
C MSE B 224 5.60 8.02 -6.74
O MSE B 224 5.63 7.21 -5.80
CB MSE B 224 5.66 10.16 -5.34
CG MSE B 224 6.48 11.39 -4.90
SE MSE B 224 8.25 10.89 -4.25
CE MSE B 224 9.24 11.53 -5.76
N TRP B 225 5.06 7.70 -7.91
CA TRP B 225 4.49 6.38 -8.15
C TRP B 225 5.11 5.80 -9.43
N PHE B 226 4.98 4.49 -9.62
CA PHE B 226 5.62 3.81 -10.73
C PHE B 226 4.80 3.90 -12.05
N THR B 227 3.55 4.39 -12.01
CA THR B 227 2.72 4.54 -13.23
C THR B 227 3.08 5.81 -14.03
N THR B 228 2.94 5.76 -15.38
CA THR B 228 3.28 6.85 -16.32
C THR B 228 2.15 7.09 -17.39
N GLU B 229 2.42 7.98 -18.42
CA GLU B 229 1.49 8.25 -19.54
C GLU B 229 1.32 6.98 -20.33
N ASP B 230 2.38 6.13 -20.32
CA ASP B 230 2.42 4.86 -20.97
C ASP B 230 1.38 3.91 -20.37
N THR B 231 1.12 4.02 -19.08
CA THR B 231 0.15 3.15 -18.41
C THR B 231 -1.28 3.35 -18.99
N ASP B 232 -1.67 4.61 -19.32
CA ASP B 232 -3.00 4.93 -19.89
C ASP B 232 -3.19 4.31 -21.26
N ALA B 233 -2.17 4.43 -22.15
CA ALA B 233 -2.22 3.87 -23.49
C ALA B 233 -2.28 2.33 -23.43
N PHE B 234 -1.53 1.70 -22.48
CA PHE B 234 -1.57 0.25 -22.25
C PHE B 234 -2.98 -0.17 -21.81
N ALA B 235 -3.55 0.55 -20.84
CA ALA B 235 -4.89 0.36 -20.26
C ALA B 235 -5.96 0.38 -21.37
N LEU B 236 -5.95 1.44 -22.19
CA LEU B 236 -6.89 1.58 -23.29
C LEU B 236 -6.67 0.50 -24.36
N ARG B 237 -5.39 0.09 -24.62
CA ARG B 237 -5.21 -0.96 -25.64
C ARG B 237 -5.77 -2.24 -25.13
N GLU B 238 -5.48 -2.57 -23.83
CA GLU B 238 -5.96 -3.81 -23.23
C GLU B 238 -7.50 -3.83 -23.17
N PHE B 239 -8.14 -2.72 -22.81
CA PHE B 239 -9.60 -2.65 -22.70
C PHE B 239 -10.26 -2.82 -24.10
N THR B 240 -9.70 -2.18 -25.14
CA THR B 240 -10.24 -2.25 -26.49
C THR B 240 -10.06 -3.68 -26.99
N ARG B 241 -8.93 -4.38 -26.67
CA ARG B 241 -8.75 -5.80 -27.03
C ARG B 241 -9.85 -6.67 -26.31
N LEU B 242 -10.04 -6.44 -25.03
CA LEU B 242 -10.96 -7.25 -24.26
C LEU B 242 -12.41 -7.07 -24.62
N ILE B 243 -12.81 -5.85 -24.99
CA ILE B 243 -14.20 -5.58 -25.37
C ILE B 243 -14.54 -6.27 -26.73
N ASP B 244 -13.50 -6.56 -27.54
CA ASP B 244 -13.70 -7.24 -28.81
C ASP B 244 -13.46 -8.75 -28.71
N SER B 245 -12.98 -9.25 -27.55
CA SER B 245 -12.73 -10.68 -27.29
C SER B 245 -14.06 -11.51 -27.28
N PRO B 246 -14.02 -12.85 -27.50
CA PRO B 246 -15.28 -13.61 -27.64
C PRO B 246 -16.16 -13.62 -26.39
N VAL B 247 -15.59 -13.80 -25.18
CA VAL B 247 -16.40 -13.85 -23.97
C VAL B 247 -17.09 -12.48 -23.75
N ALA B 248 -16.37 -11.35 -23.86
CA ALA B 248 -16.97 -10.02 -23.66
C ALA B 248 -18.05 -9.73 -24.68
N ARG B 249 -17.75 -9.95 -25.99
CA ARG B 249 -18.72 -9.74 -27.07
C ARG B 249 -20.05 -10.48 -26.77
N ARG B 250 -19.97 -11.76 -26.35
CA ARG B 250 -21.14 -12.59 -26.05
C ARG B 250 -21.94 -12.02 -24.86
N ARG B 251 -21.25 -11.80 -23.68
CA ARG B 251 -21.94 -11.33 -22.48
C ARG B 251 -22.43 -9.90 -22.64
N ILE B 252 -21.61 -9.02 -23.24
CA ILE B 252 -22.05 -7.63 -23.47
C ILE B 252 -23.28 -7.66 -24.40
N THR B 253 -23.29 -8.52 -25.46
CA THR B 253 -24.43 -8.62 -26.39
C THR B 253 -25.67 -9.08 -25.62
N ASP B 254 -25.52 -10.14 -24.83
CA ASP B 254 -26.56 -10.67 -23.94
C ASP B 254 -27.16 -9.55 -23.10
N TYR B 255 -26.33 -8.72 -22.42
CA TYR B 255 -26.76 -7.63 -21.54
C TYR B 255 -27.54 -6.54 -22.30
N THR B 256 -26.98 -6.03 -23.40
CA THR B 256 -27.61 -4.94 -24.13
C THR B 256 -28.82 -5.45 -24.96
N THR B 257 -29.07 -6.78 -25.05
CA THR B 257 -30.23 -7.30 -25.81
C THR B 257 -31.22 -8.10 -24.91
N ARG C 12 21.44 23.29 23.81
CA ARG C 12 20.54 22.13 23.65
C ARG C 12 20.56 21.59 22.22
N GLY C 13 20.84 20.29 22.10
CA GLY C 13 20.93 19.56 20.85
C GLY C 13 20.69 18.08 21.06
N VAL C 14 21.35 17.20 20.26
CA VAL C 14 21.17 15.75 20.39
C VAL C 14 21.88 15.21 21.64
N ARG C 15 21.13 14.69 22.63
CA ARG C 15 21.76 14.08 23.83
C ARG C 15 21.83 12.54 23.62
N LEU C 16 23.05 11.99 23.67
CA LEU C 16 23.29 10.54 23.53
C LEU C 16 23.46 9.87 24.88
N THR C 17 22.75 8.78 25.10
CA THR C 17 22.83 8.00 26.34
C THR C 17 22.95 6.54 25.97
N ALA C 18 23.86 5.80 26.56
CA ALA C 18 23.99 4.37 26.28
C ALA C 18 23.22 3.58 27.35
N GLU C 19 22.42 2.63 26.89
CA GLU C 19 21.60 1.74 27.70
C GLU C 19 21.90 0.31 27.23
N PRO C 20 21.44 -0.78 27.92
CA PRO C 20 21.76 -2.13 27.42
C PRO C 20 21.24 -2.34 25.97
N HIS C 21 22.16 -2.60 25.02
CA HIS C 21 21.88 -2.84 23.59
C HIS C 21 21.26 -1.66 22.87
N VAL C 22 21.27 -0.46 23.47
CA VAL C 22 20.58 0.67 22.85
C VAL C 22 21.42 1.92 22.92
N LEU C 23 21.38 2.73 21.85
CA LEU C 23 21.96 4.05 21.91
C LEU C 23 20.80 5.02 21.80
N ARG C 24 20.58 5.81 22.86
CA ARG C 24 19.44 6.73 22.87
C ARG C 24 19.88 8.08 22.36
N ALA C 25 19.18 8.56 21.34
CA ALA C 25 19.47 9.83 20.74
C ALA C 25 18.26 10.70 20.95
N THR C 26 18.36 11.60 21.93
CA THR C 26 17.24 12.44 22.35
C THR C 26 17.40 13.81 21.71
N LEU C 27 16.44 14.18 20.86
CA LEU C 27 16.42 15.54 20.27
C LEU C 27 15.89 16.52 21.31
N THR C 28 16.71 17.48 21.68
CA THR C 28 16.37 18.63 22.52
C THR C 28 16.75 19.86 21.67
N SER C 29 16.20 21.02 21.99
CA SER C 29 16.47 22.28 21.26
C SER C 29 16.23 23.48 22.17
N PRO C 30 16.93 24.63 21.97
CA PRO C 30 16.68 25.79 22.84
C PRO C 30 15.23 26.27 22.74
N ASP C 31 14.61 26.22 21.54
CA ASP C 31 13.24 26.67 21.28
C ASP C 31 12.14 25.59 21.42
N GLY C 32 12.51 24.35 21.65
CA GLY C 32 11.54 23.26 21.78
C GLY C 32 10.97 22.74 20.46
N LEU C 33 11.37 23.34 19.31
CA LEU C 33 10.88 22.90 17.98
C LEU C 33 11.56 21.65 17.48
N ASN C 34 12.77 21.31 18.01
CA ASN C 34 13.58 20.17 17.60
C ASN C 34 13.73 20.13 16.07
N SER C 35 14.14 21.27 15.50
CA SER C 35 14.37 21.39 14.06
C SER C 35 15.59 20.50 13.64
N LEU C 36 15.58 20.08 12.36
CA LEU C 36 16.69 19.31 11.79
C LEU C 36 17.71 20.28 11.19
N SER C 37 18.44 20.96 12.04
CA SER C 37 19.56 21.82 11.66
C SER C 37 20.75 20.92 11.27
N GLY C 38 21.69 21.47 10.52
CA GLY C 38 22.90 20.75 10.12
C GLY C 38 23.59 20.12 11.31
N ALA C 39 23.52 20.81 12.46
CA ALA C 39 24.09 20.34 13.72
C ALA C 39 23.37 19.10 14.21
N ALA C 40 22.02 19.09 14.18
CA ALA C 40 21.22 17.93 14.59
C ALA C 40 21.47 16.75 13.65
N LEU C 41 21.57 17.02 12.34
CA LEU C 41 21.77 15.99 11.32
C LEU C 41 23.13 15.35 11.45
N ASP C 42 24.18 16.13 11.78
CA ASP C 42 25.54 15.63 12.01
C ASP C 42 25.61 14.78 13.30
N ALA C 43 24.92 15.26 14.35
CA ALA C 43 24.86 14.61 15.66
C ALA C 43 24.16 13.26 15.53
N LEU C 44 23.04 13.17 14.74
CA LEU C 44 22.36 11.90 14.48
C LEU C 44 23.25 10.96 13.66
N GLY C 45 24.01 11.57 12.74
CA GLY C 45 24.99 10.89 11.89
C GLY C 45 26.09 10.28 12.71
N ALA C 46 26.59 11.03 13.73
CA ALA C 46 27.64 10.54 14.61
C ALA C 46 27.08 9.53 15.64
N ALA C 47 25.78 9.58 15.95
CA ALA C 47 25.10 8.61 16.85
C ALA C 47 25.05 7.26 16.18
N LEU C 48 24.70 7.27 14.88
CA LEU C 48 24.67 6.05 14.08
C LEU C 48 26.06 5.48 13.96
N ASP C 49 27.10 6.35 13.83
CA ASP C 49 28.50 5.90 13.80
C ASP C 49 28.87 5.18 15.09
N ARG C 50 28.45 5.73 16.24
CA ARG C 50 28.76 5.19 17.56
C ARG C 50 28.06 3.84 17.74
N ALA C 51 26.76 3.79 17.35
CA ALA C 51 25.91 2.62 17.46
C ALA C 51 26.45 1.48 16.62
N GLU C 52 26.91 1.78 15.40
CA GLU C 52 27.49 0.81 14.46
C GLU C 52 28.82 0.27 14.94
N ALA C 53 29.62 1.10 15.64
CA ALA C 53 30.93 0.71 16.15
C ALA C 53 30.84 -0.15 17.40
N ASP C 54 29.67 -0.25 18.02
CA ASP C 54 29.44 -1.08 19.21
C ASP C 54 28.89 -2.45 18.78
N PRO C 55 29.63 -3.55 18.98
CA PRO C 55 29.07 -4.86 18.60
C PRO C 55 27.84 -5.24 19.46
N GLU C 56 27.62 -4.60 20.62
CA GLU C 56 26.48 -4.90 21.50
C GLU C 56 25.23 -4.07 21.22
N CYS C 57 25.40 -2.93 20.56
CA CYS C 57 24.27 -2.04 20.32
C CYS C 57 23.40 -2.61 19.18
N ARG C 58 22.12 -2.86 19.48
CA ARG C 58 21.18 -3.43 18.51
C ARG C 58 20.20 -2.41 17.95
N VAL C 59 19.98 -1.32 18.69
CA VAL C 59 18.99 -0.32 18.37
C VAL C 59 19.55 1.08 18.52
N LEU C 60 19.21 1.97 17.56
CA LEU C 60 19.38 3.41 17.63
C LEU C 60 17.99 3.93 17.92
N LEU C 61 17.76 4.40 19.17
CA LEU C 61 16.47 4.90 19.62
C LEU C 61 16.42 6.40 19.42
N LEU C 62 15.55 6.82 18.49
CA LEU C 62 15.43 8.21 18.08
C LEU C 62 14.21 8.83 18.75
N GLU C 63 14.36 9.91 19.53
CA GLU C 63 13.23 10.48 20.27
C GLU C 63 13.32 11.99 20.41
N GLY C 64 12.21 12.60 20.80
CA GLY C 64 12.15 14.04 20.97
C GLY C 64 12.06 14.35 22.42
N SER C 65 11.41 15.45 22.77
CA SER C 65 11.25 15.94 24.16
C SER C 65 10.25 17.08 24.24
N GLY C 66 9.60 17.19 25.40
CA GLY C 66 8.65 18.24 25.71
C GLY C 66 7.40 18.34 24.86
N GLY C 67 7.01 17.21 24.24
CA GLY C 67 5.84 17.14 23.36
C GLY C 67 6.17 17.35 21.90
N THR C 68 7.44 17.45 21.58
CA THR C 68 7.85 17.57 20.19
C THR C 68 8.85 16.50 19.83
N PHE C 69 8.54 15.72 18.78
CA PHE C 69 9.46 14.73 18.23
C PHE C 69 10.49 15.49 17.37
N CYS C 70 10.03 16.07 16.24
CA CYS C 70 10.87 16.83 15.29
C CYS C 70 9.97 17.64 14.31
N THR C 71 10.34 18.89 13.96
CA THR C 71 9.59 19.73 13.04
C THR C 71 10.36 19.93 11.73
N GLY C 72 11.30 19.05 11.47
CA GLY C 72 12.07 19.09 10.23
C GLY C 72 13.03 20.24 10.09
N LEU C 73 13.47 20.50 8.86
CA LEU C 73 14.48 21.53 8.54
C LEU C 73 13.99 22.94 8.86
N ASP C 74 14.88 23.77 9.44
CA ASP C 74 14.53 25.15 9.76
C ASP C 74 14.89 26.10 8.60
N PHE C 75 14.25 27.29 8.54
CA PHE C 75 14.54 28.24 7.46
C PHE C 75 14.71 29.64 8.01
N GLY C 90 18.75 22.35 1.16
CA GLY C 90 19.93 22.59 0.31
C GLY C 90 21.09 21.68 0.67
N ARG C 91 21.96 22.16 1.61
CA ARG C 91 23.06 21.39 2.19
C ARG C 91 22.39 20.49 3.23
N GLY C 92 21.32 21.04 3.83
CA GLY C 92 20.42 20.43 4.80
C GLY C 92 19.65 19.28 4.20
N GLY C 93 19.09 19.51 3.00
CA GLY C 93 18.35 18.51 2.24
C GLY C 93 19.20 17.31 1.89
N ALA C 94 20.43 17.54 1.36
CA ALA C 94 21.41 16.50 1.01
C ALA C 94 21.77 15.61 2.21
N GLU C 95 22.10 16.22 3.38
CA GLU C 95 22.46 15.45 4.56
C GLU C 95 21.25 14.79 5.16
N PHE C 96 20.04 15.38 5.02
CA PHE C 96 18.80 14.76 5.50
C PHE C 96 18.52 13.49 4.69
N LEU C 97 18.60 13.60 3.35
CA LEU C 97 18.40 12.46 2.44
C LEU C 97 19.44 11.34 2.71
N ALA C 98 20.73 11.73 2.88
CA ALA C 98 21.83 10.76 3.15
C ALA C 98 21.62 10.06 4.50
N LEU C 99 21.23 10.80 5.52
CA LEU C 99 20.92 10.24 6.85
C LEU C 99 19.71 9.26 6.81
N MSE C 100 18.66 9.59 6.06
CA MSE C 100 17.52 8.68 5.89
C MSE C 100 17.95 7.41 5.13
O MSE C 100 17.45 6.33 5.42
CB MSE C 100 16.37 9.37 5.17
CG MSE C 100 15.59 10.35 6.13
SE MSE C 100 13.94 11.03 5.34
CE MSE C 100 14.74 12.07 3.94
N ARG C 101 18.86 7.55 4.15
CA ARG C 101 19.36 6.42 3.38
C ARG C 101 20.17 5.48 4.30
N ARG C 102 21.06 6.03 5.19
CA ARG C 102 21.82 5.27 6.18
C ARG C 102 20.90 4.46 7.09
N PHE C 103 19.73 5.05 7.53
CA PHE C 103 18.72 4.36 8.32
C PHE C 103 18.29 3.10 7.61
N GLY C 104 18.10 3.22 6.29
CA GLY C 104 17.69 2.10 5.45
C GLY C 104 18.74 1.02 5.22
N GLU C 105 20.03 1.29 5.50
CA GLU C 105 21.07 0.29 5.25
C GLU C 105 21.78 -0.18 6.51
N THR C 106 21.74 0.59 7.60
CA THR C 106 22.51 0.27 8.80
C THR C 106 22.16 -1.15 9.38
N PRO C 107 23.17 -1.93 9.86
CA PRO C 107 22.86 -3.27 10.38
C PRO C 107 22.48 -3.24 11.87
N LEU C 108 21.49 -2.42 12.15
CA LEU C 108 20.84 -2.24 13.43
C LEU C 108 19.44 -1.63 13.20
N ALA C 109 18.55 -1.81 14.17
CA ALA C 109 17.19 -1.31 14.09
C ALA C 109 17.12 0.11 14.60
N VAL C 110 16.72 1.05 13.73
CA VAL C 110 16.49 2.48 14.01
C VAL C 110 15.04 2.51 14.45
N VAL C 111 14.76 2.89 15.70
CA VAL C 111 13.41 2.94 16.20
C VAL C 111 13.07 4.36 16.57
N ALA C 112 12.12 4.99 15.80
CA ALA C 112 11.59 6.31 16.09
C ALA C 112 10.52 6.24 17.19
N CYS C 113 10.84 6.82 18.35
CA CYS C 113 9.89 6.79 19.46
C CYS C 113 9.27 8.16 19.53
N VAL C 114 7.98 8.27 19.10
CA VAL C 114 7.31 9.57 18.98
C VAL C 114 6.42 9.83 20.17
N ASP C 115 6.57 10.98 20.81
CA ASP C 115 5.69 11.38 21.91
C ASP C 115 5.28 12.86 21.76
N GLY C 116 4.44 13.15 20.77
CA GLY C 116 4.03 14.51 20.47
C GLY C 116 4.12 14.85 19.00
N ARG C 117 4.41 16.13 18.73
CA ARG C 117 4.43 16.67 17.39
C ARG C 117 5.56 16.13 16.48
N ALA C 118 5.17 15.60 15.30
CA ALA C 118 6.05 15.27 14.18
C ALA C 118 5.53 16.08 12.97
N ALA C 119 6.32 17.01 12.44
CA ALA C 119 5.87 17.85 11.31
C ALA C 119 6.93 17.95 10.27
N GLY C 120 6.51 18.04 9.02
CA GLY C 120 7.40 18.19 7.87
C GLY C 120 8.51 17.16 7.80
N GLY C 121 9.76 17.64 7.74
CA GLY C 121 10.93 16.78 7.75
C GLY C 121 10.95 15.80 8.93
N GLY C 122 10.35 16.19 10.05
CA GLY C 122 10.29 15.34 11.24
C GLY C 122 9.47 14.10 10.96
N VAL C 123 8.47 14.19 10.02
CA VAL C 123 7.67 13.02 9.62
C VAL C 123 8.56 12.05 8.83
N GLY C 124 9.39 12.61 7.93
CA GLY C 124 10.34 11.83 7.13
C GLY C 124 11.35 11.13 8.01
N LEU C 125 11.80 11.79 9.09
CA LEU C 125 12.79 11.23 10.00
C LEU C 125 12.17 10.04 10.74
N ALA C 126 10.91 10.16 11.16
CA ALA C 126 10.26 8.99 11.79
C ALA C 126 10.00 7.90 10.73
N ALA C 127 9.49 8.30 9.54
CA ALA C 127 9.10 7.36 8.47
C ALA C 127 10.29 6.53 7.98
N ALA C 128 11.50 7.14 7.93
CA ALA C 128 12.79 6.51 7.52
C ALA C 128 13.29 5.45 8.51
N ALA C 129 12.80 5.49 9.75
CA ALA C 129 13.18 4.52 10.78
C ALA C 129 12.62 3.14 10.42
N ASP C 130 13.21 2.11 10.97
CA ASP C 130 12.73 0.74 10.73
C ASP C 130 11.34 0.61 11.39
N LEU C 131 11.16 1.20 12.58
CA LEU C 131 9.88 1.14 13.32
C LEU C 131 9.56 2.44 13.90
N VAL C 132 8.25 2.76 13.90
CA VAL C 132 7.72 3.97 14.52
C VAL C 132 6.81 3.51 15.68
N ILE C 133 7.16 3.91 16.92
CA ILE C 133 6.40 3.56 18.11
C ILE C 133 5.92 4.91 18.72
N ALA C 134 4.62 5.12 18.86
CA ALA C 134 4.17 6.44 19.28
C ALA C 134 3.21 6.38 20.42
N THR C 135 3.11 7.47 21.20
CA THR C 135 2.06 7.64 22.21
C THR C 135 0.77 8.18 21.58
N GLU C 136 -0.38 7.97 22.25
CA GLU C 136 -1.68 8.43 21.76
C GLU C 136 -1.69 9.98 21.44
N ARG C 137 -0.92 10.83 22.19
CA ARG C 137 -0.97 12.28 21.95
C ARG C 137 -0.20 12.75 20.74
N SER C 138 0.57 11.86 20.11
CA SER C 138 1.40 12.19 18.96
C SER C 138 0.52 12.60 17.78
N GLU C 139 0.99 13.58 16.98
CA GLU C 139 0.35 14.04 15.74
C GLU C 139 1.36 14.10 14.68
N PHE C 140 0.96 13.81 13.45
CA PHE C 140 1.87 13.80 12.27
C PHE C 140 1.28 14.72 11.18
N SER C 141 2.09 15.64 10.64
CA SER C 141 1.56 16.59 9.64
C SER C 141 2.57 16.96 8.58
N LEU C 142 2.07 17.43 7.41
CA LEU C 142 2.95 17.92 6.33
C LEU C 142 2.47 19.33 6.03
N PRO C 143 2.95 20.31 6.81
CA PRO C 143 2.44 21.69 6.65
C PRO C 143 3.12 22.48 5.51
N GLU C 144 4.09 21.86 4.78
CA GLU C 144 4.95 22.47 3.71
C GLU C 144 4.17 23.36 2.71
N ALA C 145 3.02 22.86 2.20
CA ALA C 145 2.25 23.58 1.20
C ALA C 145 1.85 25.02 1.66
N LEU C 146 1.74 25.25 2.98
CA LEU C 146 1.43 26.56 3.56
C LEU C 146 2.48 27.63 3.26
N TRP C 147 3.77 27.21 3.07
CA TRP C 147 4.92 28.07 2.80
C TRP C 147 5.32 28.00 1.31
N GLY C 148 4.45 27.40 0.48
CA GLY C 148 4.66 27.22 -0.95
C GLY C 148 5.63 26.09 -1.26
N LEU C 149 5.77 25.16 -0.30
CA LEU C 149 6.72 24.06 -0.46
C LEU C 149 6.01 22.74 -0.63
N VAL C 150 6.77 21.77 -1.13
CA VAL C 150 6.35 20.39 -1.26
C VAL C 150 7.36 19.61 -0.38
N PRO C 151 6.97 18.57 0.41
CA PRO C 151 7.98 17.85 1.20
C PRO C 151 8.73 16.86 0.32
N CYS C 152 9.39 17.37 -0.71
CA CYS C 152 10.11 16.51 -1.67
C CYS C 152 10.96 15.42 -1.01
N CYS C 153 11.73 15.78 0.02
CA CYS C 153 12.69 14.85 0.64
C CYS C 153 12.05 13.78 1.50
N VAL C 154 10.87 14.07 2.07
CA VAL C 154 10.12 13.18 2.94
C VAL C 154 9.42 12.09 2.15
N LEU C 155 8.78 12.46 1.04
CA LEU C 155 7.83 11.65 0.28
C LEU C 155 8.30 10.28 -0.21
N PRO C 156 9.49 10.05 -0.79
CA PRO C 156 9.83 8.70 -1.24
C PRO C 156 9.77 7.70 -0.10
N VAL C 157 10.31 8.05 1.09
CA VAL C 157 10.27 7.14 2.22
C VAL C 157 8.84 7.14 2.87
N LEU C 158 8.11 8.28 2.86
CA LEU C 158 6.78 8.26 3.44
C LEU C 158 5.84 7.38 2.57
N VAL C 159 5.85 7.56 1.24
CA VAL C 159 5.04 6.75 0.35
C VAL C 159 5.39 5.22 0.50
N ARG C 160 6.69 4.83 0.69
CA ARG C 160 7.05 3.43 0.85
C ARG C 160 6.35 2.81 2.06
N ARG C 161 6.32 3.57 3.14
CA ARG C 161 5.71 3.19 4.41
C ARG C 161 4.18 3.20 4.35
N THR C 162 3.55 4.26 3.84
CA THR C 162 2.09 4.34 3.99
C THR C 162 1.29 4.03 2.75
N GLY C 163 1.97 4.01 1.61
CA GLY C 163 1.26 3.95 0.34
C GLY C 163 1.13 5.38 -0.11
N PHE C 164 0.76 5.56 -1.35
CA PHE C 164 0.64 6.86 -1.99
C PHE C 164 -0.49 7.75 -1.35
N GLN C 165 -1.71 7.21 -1.17
CA GLN C 165 -2.85 8.04 -0.74
C GLN C 165 -2.70 8.63 0.67
N PRO C 166 -2.32 7.94 1.77
CA PRO C 166 -2.24 8.65 3.04
C PRO C 166 -1.25 9.81 2.97
N ALA C 167 -0.08 9.63 2.28
CA ALA C 167 0.98 10.66 2.14
C ALA C 167 0.46 11.86 1.37
N TYR C 168 -0.26 11.59 0.26
CA TYR C 168 -0.84 12.61 -0.57
C TYR C 168 -1.89 13.45 0.20
N ALA C 169 -2.79 12.74 0.88
CA ALA C 169 -3.87 13.41 1.61
C ALA C 169 -3.31 14.33 2.73
N MSE C 170 -2.25 13.90 3.40
CA MSE C 170 -1.57 14.70 4.42
C MSE C 170 -0.94 15.95 3.82
O MSE C 170 -1.08 17.02 4.39
CB MSE C 170 -0.46 13.87 5.11
CG MSE C 170 -1.02 12.95 6.21
SE MSE C 170 0.44 11.79 6.88
CE MSE C 170 1.31 13.17 7.87
N ALA C 171 -0.25 15.81 2.64
CA ALA C 171 0.42 16.93 1.96
C ALA C 171 -0.54 17.97 1.48
N LEU C 172 -1.65 17.48 0.89
CA LEU C 172 -2.67 18.34 0.33
C LEU C 172 -3.47 19.04 1.43
N SER C 173 -3.89 18.32 2.48
CA SER C 173 -4.71 18.92 3.51
C SER C 173 -3.93 19.83 4.50
N THR C 174 -2.65 19.50 4.81
CA THR C 174 -1.72 20.15 5.79
C THR C 174 -2.20 19.93 7.25
N GLN C 175 -3.30 19.23 7.42
CA GLN C 175 -3.84 18.93 8.75
C GLN C 175 -3.14 17.77 9.42
N PRO C 176 -2.84 17.89 10.74
CA PRO C 176 -2.19 16.77 11.43
C PRO C 176 -3.12 15.58 11.54
N VAL C 177 -2.54 14.43 11.75
CA VAL C 177 -3.21 13.15 11.85
C VAL C 177 -2.78 12.59 13.23
N SER C 178 -3.73 12.02 13.93
CA SER C 178 -3.44 11.45 15.23
C SER C 178 -2.64 10.19 15.08
N ALA C 179 -1.93 9.77 16.12
CA ALA C 179 -1.18 8.51 16.12
C ALA C 179 -2.08 7.31 15.77
N ARG C 180 -3.28 7.24 16.33
CA ARG C 180 -4.20 6.09 16.04
C ARG C 180 -4.59 6.03 14.58
N ARG C 181 -4.77 7.19 13.97
N ARG C 181 -4.79 7.19 13.92
CA ARG C 181 -5.06 7.35 12.56
CA ARG C 181 -5.09 7.23 12.48
C ARG C 181 -3.83 6.94 11.74
C ARG C 181 -3.81 6.97 11.65
N ALA C 182 -2.64 7.40 12.16
CA ALA C 182 -1.35 7.17 11.47
C ALA C 182 -1.02 5.67 11.56
N ALA C 183 -1.43 5.00 12.66
CA ALA C 183 -1.28 3.55 12.82
C ALA C 183 -2.13 2.81 11.76
N ASP C 184 -3.30 3.38 11.34
CA ASP C 184 -4.15 2.71 10.31
C ASP C 184 -3.47 2.57 8.98
N PHE C 185 -2.54 3.49 8.64
CA PHE C 185 -1.83 3.35 7.36
C PHE C 185 -0.31 3.13 7.58
N ARG C 186 0.06 2.63 8.78
CA ARG C 186 1.42 2.19 9.12
C ARG C 186 2.46 3.28 9.17
N LEU C 187 2.05 4.56 9.27
CA LEU C 187 3.03 5.59 9.53
C LEU C 187 3.53 5.34 10.96
N VAL C 188 2.64 4.83 11.84
CA VAL C 188 2.97 4.35 13.19
C VAL C 188 2.88 2.84 13.13
N ASP C 189 3.89 2.13 13.66
CA ASP C 189 3.87 0.67 13.68
C ASP C 189 3.06 0.20 14.89
N GLU C 190 3.18 0.94 16.02
CA GLU C 190 2.43 0.62 17.23
C GLU C 190 2.22 1.86 18.09
N VAL C 191 0.97 2.06 18.54
CA VAL C 191 0.58 3.08 19.53
C VAL C 191 0.65 2.40 20.89
N VAL C 192 1.43 2.95 21.84
CA VAL C 192 1.63 2.38 23.16
C VAL C 192 1.68 3.46 24.22
N PRO C 193 1.43 3.05 25.49
CA PRO C 193 1.56 3.99 26.59
C PRO C 193 3.01 4.50 26.81
N ASP C 194 4.02 3.68 26.59
CA ASP C 194 5.45 4.00 26.80
C ASP C 194 6.35 3.38 25.73
N PRO C 195 6.86 4.23 24.82
CA PRO C 195 7.69 3.70 23.74
C PRO C 195 8.97 3.04 24.24
N ASP C 196 9.52 3.46 25.40
CA ASP C 196 10.76 2.91 25.94
C ASP C 196 10.53 1.48 26.38
N ALA C 197 9.34 1.21 26.90
CA ALA C 197 9.01 -0.14 27.32
C ALA C 197 8.82 -1.02 26.07
N ALA C 198 8.25 -0.44 24.96
CA ALA C 198 8.06 -1.22 23.71
C ALA C 198 9.44 -1.57 23.09
N VAL C 199 10.43 -0.65 23.17
CA VAL C 199 11.79 -0.93 22.69
C VAL C 199 12.39 -2.06 23.54
N ARG C 200 12.15 -2.05 24.87
CA ARG C 200 12.74 -3.14 25.68
C ARG C 200 12.10 -4.46 25.32
N ARG C 201 10.82 -4.47 24.92
CA ARG C 201 10.13 -5.69 24.53
C ARG C 201 10.75 -6.22 23.21
N LEU C 202 11.02 -5.31 22.28
CA LEU C 202 11.62 -5.54 20.97
C LEU C 202 12.96 -6.20 21.07
N LEU C 203 13.78 -5.77 22.05
CA LEU C 203 15.11 -6.30 22.27
C LEU C 203 15.11 -7.80 22.51
N VAL C 204 14.06 -8.35 23.14
CA VAL C 204 14.01 -9.79 23.43
C VAL C 204 14.26 -10.62 22.14
N ARG C 205 13.59 -10.25 21.04
CA ARG C 205 13.71 -10.96 19.78
C ARG C 205 14.89 -10.44 18.96
N LEU C 206 15.11 -9.11 19.01
CA LEU C 206 16.21 -8.50 18.27
C LEU C 206 17.62 -8.95 18.71
N THR C 207 17.88 -9.11 20.02
CA THR C 207 19.23 -9.54 20.46
C THR C 207 19.62 -10.94 19.91
N ARG C 208 18.62 -11.76 19.49
CA ARG C 208 18.82 -13.10 18.90
C ARG C 208 19.34 -13.04 17.42
N LEU C 209 19.23 -11.86 16.78
CA LEU C 209 19.62 -11.69 15.40
C LEU C 209 21.03 -11.16 15.28
N ASP C 210 21.79 -11.73 14.35
CA ASP C 210 23.17 -11.34 14.09
C ASP C 210 23.12 -10.05 13.28
N PRO C 211 23.92 -9.03 13.63
CA PRO C 211 23.87 -7.78 12.85
C PRO C 211 24.10 -7.97 11.35
N ALA C 212 24.87 -9.02 10.90
CA ALA C 212 25.09 -9.25 9.46
C ALA C 212 23.75 -9.58 8.80
N THR C 213 22.90 -10.34 9.48
CA THR C 213 21.58 -10.71 8.91
C THR C 213 20.68 -9.45 8.77
N ILE C 214 20.75 -8.51 9.73
CA ILE C 214 19.94 -7.30 9.66
C ILE C 214 20.38 -6.49 8.45
N GLY C 215 21.70 -6.41 8.24
CA GLY C 215 22.29 -5.73 7.09
C GLY C 215 21.83 -6.35 5.77
N GLU C 216 21.86 -7.72 5.70
CA GLU C 216 21.41 -8.46 4.50
C GLU C 216 19.91 -8.28 4.30
N LEU C 217 19.12 -8.35 5.41
CA LEU C 217 17.68 -8.16 5.37
C LEU C 217 17.32 -6.77 4.76
N LYS C 218 18.00 -5.73 5.22
CA LYS C 218 17.77 -4.36 4.76
C LYS C 218 18.24 -4.14 3.34
N GLN C 219 19.33 -4.82 2.94
CA GLN C 219 19.87 -4.67 1.60
C GLN C 219 18.89 -5.27 0.63
N TYR C 220 18.39 -6.48 0.89
CA TYR C 220 17.38 -7.13 0.07
C TYR C 220 16.05 -6.29 0.00
N PHE C 221 15.55 -5.72 1.13
CA PHE C 221 14.33 -4.90 1.10
C PHE C 221 14.50 -3.64 0.24
N ARG C 222 15.72 -3.09 0.13
CA ARG C 222 16.00 -1.93 -0.75
C ARG C 222 15.52 -2.24 -2.19
N ALA C 223 15.77 -3.48 -2.64
CA ALA C 223 15.44 -4.00 -3.97
C ALA C 223 13.98 -4.44 -4.06
N MSE C 224 13.22 -4.42 -2.93
CA MSE C 224 11.81 -4.80 -2.90
C MSE C 224 10.87 -3.61 -3.17
O MSE C 224 9.65 -3.79 -3.29
CB MSE C 224 11.45 -5.50 -1.57
CG MSE C 224 12.06 -6.92 -1.42
SE MSE C 224 11.45 -8.19 -2.76
CE MSE C 224 12.94 -8.27 -3.93
N TRP C 225 11.44 -2.40 -3.28
CA TRP C 225 10.63 -1.22 -3.60
C TRP C 225 11.14 -0.58 -4.89
N PHE C 226 10.35 0.32 -5.47
CA PHE C 226 10.69 0.90 -6.77
C PHE C 226 11.54 2.19 -6.70
N THR C 227 11.87 2.69 -5.53
CA THR C 227 12.66 3.93 -5.47
C THR C 227 14.17 3.67 -5.45
N THR C 228 14.96 4.60 -6.03
CA THR C 228 16.42 4.43 -6.11
C THR C 228 17.20 5.63 -5.58
N GLU C 229 18.54 5.63 -5.83
CA GLU C 229 19.47 6.72 -5.55
C GLU C 229 19.13 7.92 -6.45
N ASP C 230 18.52 7.63 -7.64
CA ASP C 230 18.02 8.67 -8.57
C ASP C 230 16.85 9.41 -7.94
N THR C 231 16.08 8.73 -7.07
CA THR C 231 14.91 9.34 -6.43
C THR C 231 15.34 10.44 -5.46
N ASP C 232 16.36 10.19 -4.67
CA ASP C 232 17.02 11.13 -3.78
C ASP C 232 17.48 12.40 -4.54
N ALA C 233 18.25 12.21 -5.61
CA ALA C 233 18.78 13.26 -6.49
C ALA C 233 17.65 14.15 -7.03
N PHE C 234 16.58 13.51 -7.57
CA PHE C 234 15.41 14.19 -8.11
C PHE C 234 14.69 14.93 -7.00
N ALA C 235 14.56 14.32 -5.81
CA ALA C 235 13.93 14.97 -4.63
C ALA C 235 14.66 16.27 -4.26
N LEU C 236 16.01 16.23 -4.24
CA LEU C 236 16.79 17.40 -3.85
C LEU C 236 16.73 18.49 -4.90
N ARG C 237 16.79 18.11 -6.17
CA ARG C 237 16.68 19.05 -7.29
C ARG C 237 15.34 19.82 -7.22
N GLU C 238 14.22 19.08 -7.04
CA GLU C 238 12.89 19.65 -6.98
C GLU C 238 12.71 20.50 -5.74
N PHE C 239 13.27 20.09 -4.58
CA PHE C 239 13.15 20.88 -3.35
C PHE C 239 13.82 22.25 -3.48
N THR C 240 15.03 22.27 -4.04
CA THR C 240 15.80 23.50 -4.20
C THR C 240 15.15 24.38 -5.27
N ARG C 241 14.59 23.78 -6.35
CA ARG C 241 13.88 24.54 -7.38
C ARG C 241 12.69 25.28 -6.74
N LEU C 242 11.95 24.55 -5.90
CA LEU C 242 10.72 25.03 -5.27
C LEU C 242 10.97 26.08 -4.28
N ILE C 243 12.03 25.95 -3.46
CA ILE C 243 12.34 26.96 -2.47
C ILE C 243 12.78 28.29 -3.14
N ASP C 244 13.21 28.27 -4.43
CA ASP C 244 13.63 29.49 -5.16
C ASP C 244 12.46 30.13 -5.95
N SER C 245 11.32 29.44 -6.02
CA SER C 245 10.12 29.89 -6.73
C SER C 245 9.49 31.14 -6.03
N PRO C 246 8.86 32.08 -6.81
CA PRO C 246 8.35 33.30 -6.19
C PRO C 246 7.35 33.09 -5.07
N VAL C 247 6.45 32.09 -5.15
CA VAL C 247 5.45 31.85 -4.09
C VAL C 247 6.15 31.37 -2.79
N ALA C 248 7.06 30.38 -2.89
CA ALA C 248 7.80 29.89 -1.71
C ALA C 248 8.63 31.05 -1.13
N ARG C 249 9.26 31.86 -2.03
CA ARG C 249 10.05 33.01 -1.65
C ARG C 249 9.25 34.01 -0.86
N ARG C 250 8.07 34.40 -1.39
CA ARG C 250 7.17 35.35 -0.80
C ARG C 250 6.70 34.89 0.58
N ARG C 251 6.24 33.63 0.70
CA ARG C 251 5.71 33.09 1.96
C ARG C 251 6.77 32.90 3.05
N ILE C 252 7.97 32.39 2.70
CA ILE C 252 9.08 32.09 3.65
C ILE C 252 9.61 33.39 4.28
N THR C 253 9.77 34.47 3.48
CA THR C 253 10.21 35.80 3.95
C THR C 253 9.32 36.22 5.16
N ASP C 254 7.99 36.20 4.95
CA ASP C 254 6.96 36.57 5.94
C ASP C 254 6.59 35.36 6.81
S SO4 D . -23.32 -12.11 0.16
O1 SO4 D . -22.65 -13.31 -0.40
O2 SO4 D . -23.99 -12.51 1.39
O3 SO4 D . -22.37 -11.06 0.47
O4 SO4 D . -24.29 -11.59 -0.84
S SO4 E . 1.10 0.08 -1.26
O1 SO4 E . 1.46 -1.29 -1.49
O2 SO4 E . 0.04 0.02 -0.07
O3 SO4 E . 2.13 1.02 -0.89
O4 SO4 E . 0.43 0.60 -2.38
S SO4 F . -10.80 20.83 12.12
O1 SO4 F . -11.18 21.31 10.77
O2 SO4 F . -9.88 21.83 12.71
O3 SO4 F . -12.02 20.67 12.90
O4 SO4 F . -10.11 19.55 12.10
S SO4 G . 5.62 -10.96 23.43
O1 SO4 G . 6.05 -12.34 23.61
O2 SO4 G . 4.71 -10.88 22.29
O3 SO4 G . 4.88 -10.47 24.60
O4 SO4 G . 6.82 -10.12 23.24
#